data_3KD5
#
_entry.id   3KD5
#
_cell.length_a   77.855
_cell.length_b   122.481
_cell.length_c   133.371
_cell.angle_alpha   90.00
_cell.angle_beta   90.00
_cell.angle_gamma   90.00
#
_symmetry.space_group_name_H-M   'P 21 21 21'
#
loop_
_entity.id
_entity.type
_entity.pdbx_description
1 polymer "DNA (5'-D(*CP*GP*TP*CP*TP*TP*AP*TP*GP*AP*CP*AP*GP*CP*CP*GP*CP*G)-3')"
2 polymer "DNA (5'-D(*GP*CP*GP*GP*CP*TP*GP*TP*CP*AP*TP*AP*AP*(4DG))-3')"
3 polymer 'DNA polymerase'
4 non-polymer 'PHOSPHONOFORMIC ACID'
5 non-polymer 'MAGNESIUM ION'
6 water water
#
loop_
_entity_poly.entity_id
_entity_poly.type
_entity_poly.pdbx_seq_one_letter_code
_entity_poly.pdbx_strand_id
1 'polydeoxyribonucleotide' (DC)(DG)(DT)(DC)(DT)(DT)(DA)(DT)(DG)(DA)(DC)(DA)(DG)(DC)(DC)(DG)(DC)(DG) T
2 'polydeoxyribonucleotide' (DG)(DC)(DG)(DG)(DC)(DT)(DG)(DT)(DC)(DA)(DT)(DA)(DA)(4DG) P
3 'polypeptide(L)'
;MKEFYLTVEQIGDSIFERYIDSNGRERTREVEYKPSLFAHCPESQATKYFDIYGKPCTRKLFANMRDASQWIKRMEDIGL
EALGMDDFKLAYLSDTYNYEIKYDHTKIRVANFDIEVTSPDGFPEPSQAKHPIDAITHYDSIDDRFYVFDLLNSPYGNVE
EWSIEIAAKLQEQGGDEVPSEIIDKIIYMPFDNEKELLMEYLNFWQQKTPVILTGWNVESFAIPYVYNRIKNIFGESTAK
RLSPHRKTRVKVIENMYGSREIITLFGISVLDYIDLYKKFSFTNQPSYSLDYISEFELNVGKLKYDGPISKLRESNHQRY
ISYNIIDVYRVLQIDAKRQFINLSLDMGYYAKIQIQSVFSPIKTWDAIIFNSLKEQNKVIPQGRSHPVQPYPGAFVKEPI
PNRYKYVMSFDLTSLYPSIIRQVNISPETIAGTFKVAPLHDYINAVAERPSDVYSCSPNGMMYYKDRDGVVPTEITKWVS
QRKEHKGYMLAAQRNGEIIKEALHNPNLSVDEPLDVDYRFDFSDEIKEKIKKLSAKSLNEMLFRAQRTEVAGMTAQMALK
VTCNSLYGALGNVWFRYYDLRNATAITTFGQMALQWIERKVNEYLNEVCGTEGEAFVLYGDTDSIYVSADKIIDKVGESK
FRDTNHWVDFLDKFARERMEPAIDRGFREMCEYMNNKQHLMFMDREAIAGPPLGSKGIGGFWTGKKRYALNVWDMEGTRY
AEPKLKIMGLETQKSSTPKAVQKALKECIRRMLQEGEESLQEYFKEFEKEFRQLNYISIASVSSANNIAKYDVGGFPGPK
CPFHIRGILTYNRAIKGNIDAPQVVEGEKVYVLPLREGNPFGDKCIAWPSGTEITDLIKDDVLHWMDYTVLLEKTFIKPL
EGFTSAAKLDYEKKASLFDMFDFSAWSHPQFEK
;
E
#
loop_
_chem_comp.id
_chem_comp.type
_chem_comp.name
_chem_comp.formula
4DG DNA OH 3 prime terminus '2-[(2-amino-6-oxo-1,6-dihydro-9H-purin-9-yl)methoxy]ethyl dihydrogen phosphate' 'C8 H12 N5 O6 P'
DA DNA linking 2'-DEOXYADENOSINE-5'-MONOPHOSPHATE 'C10 H14 N5 O6 P'
DC DNA linking 2'-DEOXYCYTIDINE-5'-MONOPHOSPHATE 'C9 H14 N3 O7 P'
DG DNA linking 2'-DEOXYGUANOSINE-5'-MONOPHOSPHATE 'C10 H14 N5 O7 P'
DT DNA linking THYMIDINE-5'-MONOPHOSPHATE 'C10 H15 N2 O8 P'
MG non-polymer 'MAGNESIUM ION' 'Mg 2'
PPF non-polymer 'PHOSPHONOFORMIC ACID' 'C H3 O5 P'
#
# COMPACT_ATOMS: atom_id res chain seq x y z
P 4DG B 14 -5.35 -13.17 4.37
N1 4DG B 14 -8.28 -7.39 -2.44
C2 4DG B 14 -9.17 -8.42 -2.58
N2 4DG B 14 -9.99 -8.36 -3.64
N3 4DG B 14 -9.25 -9.45 -1.75
C4 4DG B 14 -8.36 -9.35 -0.75
C5 4DG B 14 -7.42 -8.36 -0.51
C6 4DG B 14 -7.35 -7.27 -1.41
O6 4DG B 14 -6.60 -6.28 -1.36
N7 4DG B 14 -6.69 -8.64 0.63
C8 4DG B 14 -7.18 -9.77 1.06
N9 4DG B 14 -8.19 -10.26 0.27
C1' 4DG B 14 -8.94 -11.50 0.46
C4' 4DG B 14 -7.66 -13.28 1.29
O4' 4DG B 14 -8.45 -12.13 1.63
C5' 4DG B 14 -6.28 -13.13 1.91
O5' 4DG B 14 -6.26 -13.74 3.20
OP1 4DG B 14 -4.58 -14.33 4.87
OP2 4DG B 14 -4.61 -11.95 3.93
N MET C 1 19.90 -6.25 -27.75
CA MET C 1 19.42 -6.46 -29.15
C MET C 1 17.89 -6.52 -29.20
N LYS C 2 17.27 -7.15 -28.20
CA LYS C 2 15.82 -7.24 -28.13
C LYS C 2 15.19 -5.90 -27.76
N GLU C 3 14.32 -5.40 -28.63
CA GLU C 3 13.71 -4.08 -28.45
C GLU C 3 12.44 -4.10 -27.63
N PHE C 4 12.18 -3.00 -26.94
CA PHE C 4 10.97 -2.86 -26.13
C PHE C 4 10.39 -1.45 -26.24
N TYR C 5 9.09 -1.33 -25.96
CA TYR C 5 8.41 -0.05 -26.01
C TYR C 5 8.74 0.77 -24.78
N LEU C 6 8.54 2.08 -24.87
CA LEU C 6 8.63 2.97 -23.72
C LEU C 6 7.24 3.51 -23.43
N THR C 7 6.69 4.25 -24.37
CA THR C 7 5.32 4.77 -24.27
C THR C 7 4.56 4.47 -25.56
N VAL C 8 3.26 4.25 -25.45
CA VAL C 8 2.39 4.06 -26.62
C VAL C 8 1.16 4.96 -26.52
N GLU C 9 0.71 5.47 -27.66
CA GLU C 9 -0.30 6.52 -27.67
C GLU C 9 -1.19 6.44 -28.91
N GLN C 10 -2.51 6.54 -28.70
CA GLN C 10 -3.45 6.57 -29.81
C GLN C 10 -3.97 7.98 -30.08
N ILE C 11 -3.68 8.50 -31.26
CA ILE C 11 -4.16 9.81 -31.70
C ILE C 11 -4.76 9.67 -33.11
N GLY C 12 -6.08 9.82 -33.19
CA GLY C 12 -6.80 9.62 -34.44
C GLY C 12 -6.67 8.19 -34.95
N ASP C 13 -6.28 8.07 -36.22
CA ASP C 13 -6.11 6.78 -36.87
C ASP C 13 -4.62 6.42 -36.97
N SER C 14 -3.88 6.72 -35.91
CA SER C 14 -2.45 6.51 -35.90
C SER C 14 -1.97 6.17 -34.49
N ILE C 15 -0.99 5.27 -34.40
CA ILE C 15 -0.41 4.91 -33.12
C ILE C 15 0.97 5.55 -32.98
N PHE C 16 1.11 6.40 -31.96
CA PHE C 16 2.36 7.10 -31.69
C PHE C 16 3.16 6.36 -30.63
N GLU C 17 4.30 5.81 -31.02
CA GLU C 17 5.09 4.95 -30.13
C GLU C 17 6.52 5.43 -29.95
N ARG C 18 6.96 5.46 -28.69
CA ARG C 18 8.35 5.68 -28.32
C ARG C 18 8.93 4.37 -27.82
N TYR C 19 10.06 3.96 -28.39
CA TYR C 19 10.66 2.67 -28.08
C TYR C 19 12.19 2.73 -28.04
N ILE C 20 12.79 1.69 -27.45
CA ILE C 20 14.23 1.50 -27.49
C ILE C 20 14.52 0.39 -28.51
N ASP C 21 15.40 0.67 -29.46
CA ASP C 21 15.65 -0.25 -30.58
C ASP C 21 16.78 -1.25 -30.33
N SER C 22 17.06 -2.07 -31.34
CA SER C 22 18.07 -3.13 -31.30
C SER C 22 19.47 -2.71 -30.84
N ASN C 23 19.83 -1.45 -31.10
CA ASN C 23 21.13 -0.91 -30.69
C ASN C 23 21.04 -0.06 -29.42
N GLY C 24 19.92 -0.18 -28.73
CA GLY C 24 19.71 0.50 -27.45
C GLY C 24 19.53 2.00 -27.52
N ARG C 25 18.90 2.48 -28.59
CA ARG C 25 18.68 3.91 -28.78
C ARG C 25 17.20 4.26 -28.83
N GLU C 26 16.87 5.45 -28.34
CA GLU C 26 15.48 5.91 -28.26
C GLU C 26 15.01 6.50 -29.58
N ARG C 27 13.87 6.00 -30.09
CA ARG C 27 13.31 6.44 -31.37
C ARG C 27 11.79 6.55 -31.34
N THR C 28 11.22 7.15 -32.38
CA THR C 28 9.77 7.37 -32.48
C THR C 28 9.20 6.88 -33.82
N ARG C 29 8.08 6.18 -33.73
CA ARG C 29 7.32 5.71 -34.88
C ARG C 29 6.03 6.51 -35.03
N GLU C 30 5.35 6.31 -36.16
CA GLU C 30 3.96 6.68 -36.30
C GLU C 30 3.26 5.64 -37.16
N VAL C 31 3.00 4.49 -36.58
CA VAL C 31 2.42 3.35 -37.28
C VAL C 31 0.90 3.53 -37.43
N GLU C 32 0.43 3.50 -38.67
CA GLU C 32 -1.00 3.53 -38.97
C GLU C 32 -1.56 2.13 -38.77
N TYR C 33 -1.96 1.83 -37.55
CA TYR C 33 -2.30 0.47 -37.15
C TYR C 33 -3.60 -0.04 -37.78
N LYS C 34 -3.55 -1.27 -38.27
CA LYS C 34 -4.70 -1.93 -38.86
C LYS C 34 -5.25 -2.92 -37.85
N PRO C 35 -6.27 -2.51 -37.08
CA PRO C 35 -6.78 -3.34 -35.98
C PRO C 35 -7.73 -4.44 -36.46
N SER C 36 -7.82 -5.51 -35.67
CA SER C 36 -8.72 -6.63 -35.98
C SER C 36 -9.74 -6.87 -34.88
N LEU C 37 -10.98 -7.15 -35.29
CA LEU C 37 -12.05 -7.55 -34.37
C LEU C 37 -12.74 -8.77 -34.95
N PHE C 38 -13.54 -9.45 -34.13
CA PHE C 38 -14.12 -10.74 -34.52
C PHE C 38 -15.64 -10.80 -34.36
N ALA C 39 -16.24 -11.81 -34.97
CA ALA C 39 -17.70 -11.98 -34.95
C ALA C 39 -18.09 -13.45 -35.08
N HIS C 40 -19.17 -13.83 -34.42
CA HIS C 40 -19.72 -15.18 -34.53
C HIS C 40 -20.09 -15.50 -35.99
N CYS C 41 -19.84 -16.74 -36.39
CA CYS C 41 -20.16 -17.20 -37.74
C CYS C 41 -20.68 -18.63 -37.71
N PRO C 42 -21.34 -19.09 -38.79
CA PRO C 42 -21.85 -20.47 -38.84
C PRO C 42 -20.74 -21.52 -38.78
N GLU C 43 -21.12 -22.77 -38.51
CA GLU C 43 -20.15 -23.86 -38.33
C GLU C 43 -19.52 -24.34 -39.64
N SER C 44 -20.12 -23.96 -40.77
CA SER C 44 -19.57 -24.24 -42.10
C SER C 44 -18.53 -23.19 -42.52
N GLN C 45 -17.98 -22.51 -41.52
CA GLN C 45 -16.98 -21.48 -41.71
C GLN C 45 -15.73 -21.82 -40.90
N ALA C 46 -15.16 -23.00 -41.20
CA ALA C 46 -14.01 -23.51 -40.45
C ALA C 46 -12.79 -22.60 -40.55
N THR C 47 -12.44 -21.97 -39.44
CA THR C 47 -11.26 -21.09 -39.36
C THR C 47 -10.33 -21.52 -38.23
N LYS C 48 -9.52 -20.60 -37.73
CA LYS C 48 -8.64 -20.89 -36.59
C LYS C 48 -8.98 -20.11 -35.33
N TYR C 49 -9.89 -19.12 -35.46
CA TYR C 49 -10.28 -18.28 -34.35
C TYR C 49 -11.55 -18.78 -33.66
N PHE C 50 -11.50 -18.87 -32.34
CA PHE C 50 -12.64 -19.28 -31.53
C PHE C 50 -12.76 -18.39 -30.30
N ASP C 51 -13.99 -18.23 -29.80
CA ASP C 51 -14.18 -17.54 -28.53
C ASP C 51 -13.94 -18.50 -27.37
N ILE C 52 -13.88 -17.96 -26.16
CA ILE C 52 -13.54 -18.73 -24.95
C ILE C 52 -14.48 -19.91 -24.70
N TYR C 53 -15.69 -19.84 -25.23
CA TYR C 53 -16.70 -20.88 -25.04
C TYR C 53 -16.63 -21.95 -26.13
N GLY C 54 -15.91 -21.67 -27.20
CA GLY C 54 -15.69 -22.64 -28.28
C GLY C 54 -16.35 -22.28 -29.59
N LYS C 55 -17.29 -21.33 -29.56
CA LYS C 55 -17.99 -20.86 -30.75
C LYS C 55 -17.03 -20.23 -31.78
N PRO C 56 -17.18 -20.61 -33.06
CA PRO C 56 -16.31 -20.14 -34.13
C PRO C 56 -16.45 -18.65 -34.45
N CYS C 57 -15.34 -18.03 -34.80
CA CYS C 57 -15.31 -16.60 -35.13
C CYS C 57 -14.61 -16.29 -36.44
N THR C 58 -15.12 -15.28 -37.14
CA THR C 58 -14.52 -14.76 -38.37
C THR C 58 -13.73 -13.48 -38.09
N ARG C 59 -12.60 -13.30 -38.76
CA ARG C 59 -11.76 -12.13 -38.56
C ARG C 59 -12.22 -10.94 -39.42
N LYS C 60 -12.18 -9.75 -38.83
CA LYS C 60 -12.48 -8.51 -39.55
C LYS C 60 -11.28 -7.57 -39.47
N LEU C 61 -10.56 -7.43 -40.58
CA LEU C 61 -9.45 -6.49 -40.66
C LEU C 61 -9.95 -5.15 -41.20
N PHE C 62 -9.67 -4.09 -40.44
CA PHE C 62 -10.11 -2.74 -40.78
C PHE C 62 -9.00 -1.92 -41.40
N ALA C 63 -9.37 -0.94 -42.21
CA ALA C 63 -8.43 0.00 -42.80
C ALA C 63 -7.84 0.95 -41.73
N ASN C 64 -8.72 1.55 -40.93
CA ASN C 64 -8.29 2.41 -39.82
C ASN C 64 -8.97 2.09 -38.49
N MET C 65 -8.47 2.68 -37.41
CA MET C 65 -9.00 2.43 -36.06
C MET C 65 -10.38 3.03 -35.86
N ARG C 66 -10.61 4.20 -36.43
CA ARG C 66 -11.93 4.84 -36.42
C ARG C 66 -12.99 3.90 -37.01
N ASP C 67 -12.62 3.18 -38.07
CA ASP C 67 -13.50 2.20 -38.72
C ASP C 67 -13.85 1.04 -37.80
N ALA C 68 -12.84 0.51 -37.11
CA ALA C 68 -13.03 -0.57 -36.14
C ALA C 68 -13.90 -0.09 -34.97
N SER C 69 -13.60 1.12 -34.50
CA SER C 69 -14.33 1.75 -33.39
C SER C 69 -15.79 2.01 -33.73
N GLN C 70 -16.07 2.30 -34.99
CA GLN C 70 -17.44 2.58 -35.43
C GLN C 70 -18.16 1.35 -35.98
N TRP C 71 -17.43 0.25 -36.09
CA TRP C 71 -18.04 -1.06 -36.38
C TRP C 71 -18.66 -1.60 -35.10
N ILE C 72 -17.99 -1.37 -33.97
CA ILE C 72 -18.46 -1.84 -32.67
C ILE C 72 -19.85 -1.29 -32.33
N LYS C 73 -20.02 0.03 -32.45
CA LYS C 73 -21.29 0.69 -32.08
C LYS C 73 -22.45 0.35 -33.02
N ARG C 74 -22.16 0.06 -34.29
CA ARG C 74 -23.21 -0.42 -35.20
C ARG C 74 -23.28 -1.96 -35.27
N MET C 75 -22.60 -2.63 -34.34
CA MET C 75 -22.83 -4.05 -34.05
C MET C 75 -23.70 -4.19 -32.80
N GLU C 76 -23.62 -3.20 -31.92
CA GLU C 76 -24.44 -3.15 -30.71
C GLU C 76 -25.89 -2.79 -31.04
N ASP C 77 -26.08 -1.89 -32.03
CA ASP C 77 -27.41 -1.44 -32.43
C ASP C 77 -28.19 -2.49 -33.21
N ILE C 78 -27.56 -3.63 -33.49
CA ILE C 78 -28.25 -4.76 -34.11
C ILE C 78 -28.36 -5.91 -33.09
N GLY C 79 -27.50 -5.88 -32.08
CA GLY C 79 -27.52 -6.87 -31.00
C GLY C 79 -26.59 -8.04 -31.23
N LEU C 80 -25.50 -7.80 -31.96
CA LEU C 80 -24.52 -8.82 -32.24
C LEU C 80 -23.20 -8.51 -31.54
N GLU C 81 -22.67 -9.51 -30.84
CA GLU C 81 -21.45 -9.38 -30.05
C GLU C 81 -20.26 -8.96 -30.91
N ALA C 82 -19.51 -7.97 -30.42
CA ALA C 82 -18.31 -7.48 -31.11
C ALA C 82 -17.08 -7.87 -30.33
N LEU C 83 -16.59 -9.08 -30.61
CA LEU C 83 -15.48 -9.68 -29.87
C LEU C 83 -14.13 -9.14 -30.33
N GLY C 84 -13.16 -9.20 -29.42
CA GLY C 84 -11.80 -8.72 -29.70
C GLY C 84 -11.34 -7.63 -28.74
N MET C 85 -10.06 -7.27 -28.86
CA MET C 85 -9.48 -6.22 -28.05
C MET C 85 -9.79 -4.85 -28.63
N ASP C 86 -10.63 -4.09 -27.94
CA ASP C 86 -11.11 -2.79 -28.43
C ASP C 86 -10.16 -1.64 -28.09
N ASP C 87 -9.34 -1.83 -27.06
CA ASP C 87 -8.23 -0.91 -26.80
C ASP C 87 -7.11 -1.24 -27.80
N PHE C 88 -6.93 -0.35 -28.77
CA PHE C 88 -6.01 -0.63 -29.86
C PHE C 88 -4.54 -0.47 -29.48
N LYS C 89 -4.25 0.22 -28.37
CA LYS C 89 -2.88 0.29 -27.84
C LYS C 89 -2.43 -1.08 -27.40
N LEU C 90 -3.28 -1.77 -26.64
CA LEU C 90 -2.98 -3.11 -26.14
C LEU C 90 -2.80 -4.08 -27.30
N ALA C 91 -3.66 -3.93 -28.31
CA ALA C 91 -3.59 -4.75 -29.52
C ALA C 91 -2.26 -4.59 -30.23
N TYR C 92 -1.80 -3.34 -30.31
CA TYR C 92 -0.55 -3.02 -30.98
C TYR C 92 0.66 -3.62 -30.26
N LEU C 93 0.73 -3.42 -28.94
CA LEU C 93 1.83 -3.93 -28.14
C LEU C 93 1.89 -5.45 -28.16
N SER C 94 0.73 -6.09 -28.18
CA SER C 94 0.60 -7.53 -28.30
C SER C 94 1.13 -8.02 -29.66
N ASP C 95 0.79 -7.29 -30.72
CA ASP C 95 1.26 -7.61 -32.07
C ASP C 95 2.76 -7.36 -32.24
N THR C 96 3.21 -6.18 -31.81
CA THR C 96 4.59 -5.75 -32.02
C THR C 96 5.58 -6.45 -31.08
N TYR C 97 5.08 -7.06 -30.01
CA TYR C 97 5.96 -7.72 -29.04
C TYR C 97 5.46 -9.09 -28.59
N ASN C 98 5.26 -9.99 -29.56
CA ASN C 98 4.76 -11.34 -29.30
C ASN C 98 5.83 -12.24 -28.66
N TYR C 99 6.38 -11.78 -27.54
CA TYR C 99 7.40 -12.50 -26.79
C TYR C 99 7.51 -11.93 -25.36
N GLU C 100 8.22 -12.63 -24.49
CA GLU C 100 8.46 -12.17 -23.12
C GLU C 100 9.44 -10.99 -23.12
N ILE C 101 8.90 -9.80 -22.86
CA ILE C 101 9.68 -8.56 -22.90
C ILE C 101 10.70 -8.49 -21.76
N LYS C 102 11.97 -8.38 -22.13
CA LYS C 102 13.05 -8.12 -21.18
C LYS C 102 13.61 -6.74 -21.48
N TYR C 103 13.76 -5.92 -20.45
CA TYR C 103 14.09 -4.51 -20.64
C TYR C 103 15.35 -4.10 -19.89
N ASP C 104 15.90 -2.95 -20.29
CA ASP C 104 17.07 -2.37 -19.65
C ASP C 104 16.70 -1.00 -19.09
N HIS C 105 16.75 -0.88 -17.76
CA HIS C 105 16.27 0.33 -17.08
C HIS C 105 17.20 1.54 -17.26
N THR C 106 18.46 1.28 -17.59
CA THR C 106 19.45 2.35 -17.81
C THR C 106 19.19 3.15 -19.10
N LYS C 107 18.43 2.55 -20.00
CA LYS C 107 18.02 3.19 -21.24
C LYS C 107 16.56 3.66 -21.20
N ILE C 108 15.94 3.55 -20.02
CA ILE C 108 14.62 4.12 -19.79
C ILE C 108 14.79 5.42 -19.00
N ARG C 109 14.41 6.53 -19.61
CA ARG C 109 14.60 7.84 -19.00
C ARG C 109 13.54 8.16 -17.94
N VAL C 110 13.94 8.00 -16.67
CA VAL C 110 13.09 8.32 -15.53
C VAL C 110 13.45 9.70 -14.99
N ALA C 111 12.44 10.58 -14.92
CA ALA C 111 12.66 11.95 -14.47
C ALA C 111 11.75 12.32 -13.30
N ASN C 112 12.32 13.03 -12.32
CA ASN C 112 11.52 13.64 -11.28
C ASN C 112 11.98 15.06 -11.00
N PHE C 113 11.02 15.94 -10.71
CA PHE C 113 11.30 17.35 -10.55
C PHE C 113 10.34 18.00 -9.58
N ASP C 114 10.61 19.27 -9.25
CA ASP C 114 9.71 20.07 -8.44
C ASP C 114 9.90 21.56 -8.67
N ILE C 115 8.77 22.27 -8.54
CA ILE C 115 8.69 23.69 -8.84
C ILE C 115 8.63 24.51 -7.55
N GLU C 116 9.22 25.70 -7.58
CA GLU C 116 9.02 26.67 -6.53
C GLU C 116 8.31 27.91 -7.07
N VAL C 117 7.28 28.35 -6.36
CA VAL C 117 6.50 29.52 -6.72
C VAL C 117 6.28 30.36 -5.47
N THR C 118 6.82 31.57 -5.45
CA THR C 118 6.55 32.51 -4.38
C THR C 118 5.17 33.12 -4.61
N SER C 119 4.26 32.90 -3.66
CA SER C 119 2.90 33.40 -3.77
C SER C 119 2.41 34.03 -2.47
N PRO C 120 2.33 35.37 -2.43
CA PRO C 120 1.73 36.06 -1.28
C PRO C 120 0.20 35.90 -1.28
N ASP C 121 -0.38 35.77 -2.48
CA ASP C 121 -1.82 35.58 -2.65
C ASP C 121 -2.33 34.33 -1.95
N GLY C 122 -1.46 33.33 -1.84
CA GLY C 122 -1.80 32.08 -1.19
C GLY C 122 -1.27 30.89 -1.94
N PHE C 123 -2.09 29.84 -2.04
CA PHE C 123 -1.70 28.68 -2.80
C PHE C 123 -1.79 28.97 -4.31
N PRO C 124 -0.67 28.77 -5.02
CA PRO C 124 -0.60 29.01 -6.46
C PRO C 124 -1.33 27.94 -7.26
N GLU C 125 -2.63 28.13 -7.42
CA GLU C 125 -3.50 27.19 -8.14
C GLU C 125 -2.97 26.91 -9.55
N PRO C 126 -2.63 25.63 -9.83
CA PRO C 126 -2.00 25.22 -11.08
C PRO C 126 -2.81 25.50 -12.34
N SER C 127 -4.10 25.74 -12.19
CA SER C 127 -4.98 26.05 -13.32
C SER C 127 -4.79 27.47 -13.86
N GLN C 128 -4.39 28.39 -12.99
CA GLN C 128 -4.27 29.80 -13.33
C GLN C 128 -2.83 30.28 -13.52
N ALA C 129 -1.88 29.54 -12.95
CA ALA C 129 -0.44 29.87 -13.03
C ALA C 129 -0.18 31.38 -12.92
N LYS C 130 -0.76 31.97 -11.88
CA LYS C 130 -0.79 33.40 -11.65
C LYS C 130 0.58 33.99 -11.31
N HIS C 131 1.47 33.17 -10.76
CA HIS C 131 2.76 33.64 -10.26
C HIS C 131 3.97 32.99 -10.96
N PRO C 132 5.07 33.75 -11.09
CA PRO C 132 6.29 33.25 -11.72
C PRO C 132 6.91 32.03 -11.04
N ILE C 133 7.33 31.07 -11.86
CA ILE C 133 8.12 29.93 -11.40
C ILE C 133 9.53 30.42 -11.13
N ASP C 134 9.94 30.39 -9.86
CA ASP C 134 11.26 30.92 -9.50
C ASP C 134 12.34 29.84 -9.33
N ALA C 135 11.96 28.57 -9.42
CA ALA C 135 12.92 27.46 -9.29
C ALA C 135 12.40 26.11 -9.78
N ILE C 136 13.24 25.40 -10.54
CA ILE C 136 12.99 24.01 -10.92
C ILE C 136 14.27 23.20 -10.76
N THR C 137 14.16 22.06 -10.10
CA THR C 137 15.22 21.06 -10.06
C THR C 137 14.72 19.82 -10.78
N HIS C 138 15.51 19.33 -11.72
CA HIS C 138 15.10 18.23 -12.58
C HIS C 138 16.18 17.16 -12.56
N TYR C 139 15.84 15.96 -12.10
CA TYR C 139 16.79 14.86 -12.10
C TYR C 139 16.53 13.92 -13.26
N ASP C 140 17.61 13.60 -13.99
CA ASP C 140 17.54 12.68 -15.11
C ASP C 140 18.25 11.39 -14.72
N SER C 141 17.57 10.26 -14.91
CA SER C 141 18.12 8.95 -14.54
C SER C 141 19.24 8.43 -15.45
N ILE C 142 19.25 8.86 -16.72
CA ILE C 142 20.30 8.48 -17.67
C ILE C 142 21.61 9.23 -17.43
N ASP C 143 21.51 10.54 -17.17
CA ASP C 143 22.69 11.37 -16.89
C ASP C 143 23.16 11.27 -15.43
N ASP C 144 22.23 10.91 -14.53
CA ASP C 144 22.46 10.92 -13.08
C ASP C 144 22.86 12.32 -12.61
N ARG C 145 22.01 13.30 -12.91
CA ARG C 145 22.33 14.71 -12.67
C ARG C 145 21.13 15.53 -12.22
N PHE C 146 21.36 16.40 -11.25
CA PHE C 146 20.32 17.29 -10.73
C PHE C 146 20.46 18.65 -11.39
N TYR C 147 19.53 18.95 -12.30
CA TYR C 147 19.58 20.16 -13.10
C TYR C 147 18.77 21.27 -12.43
N VAL C 148 19.46 22.26 -11.87
CA VAL C 148 18.79 23.37 -11.19
C VAL C 148 18.59 24.57 -12.12
N PHE C 149 17.34 25.01 -12.22
CA PHE C 149 16.95 26.18 -13.01
C PHE C 149 16.50 27.28 -12.06
N ASP C 150 17.41 28.21 -11.78
CA ASP C 150 17.18 29.24 -10.78
C ASP C 150 16.83 30.59 -11.41
N LEU C 151 15.80 31.23 -10.86
CA LEU C 151 15.43 32.58 -11.28
C LEU C 151 15.94 33.64 -10.30
N LEU C 152 16.79 34.55 -10.80
CA LEU C 152 17.39 35.59 -9.97
C LEU C 152 16.56 36.87 -9.85
N ASN C 153 15.67 37.10 -10.81
CA ASN C 153 14.84 38.31 -10.82
C ASN C 153 13.35 38.06 -11.05
N SER C 154 12.55 38.47 -10.06
CA SER C 154 11.10 38.40 -10.13
C SER C 154 10.51 39.72 -9.63
N PRO C 155 9.20 39.93 -9.87
CA PRO C 155 8.50 41.04 -9.20
C PRO C 155 8.42 40.89 -7.67
N TYR C 156 9.02 39.82 -7.14
CA TYR C 156 9.03 39.59 -5.69
C TYR C 156 10.42 39.67 -5.07
N GLY C 157 11.39 40.18 -5.83
CA GLY C 157 12.74 40.40 -5.32
C GLY C 157 13.84 39.93 -6.26
N ASN C 158 14.92 40.71 -6.31
CA ASN C 158 16.12 40.35 -7.04
C ASN C 158 17.09 39.66 -6.10
N VAL C 159 17.54 38.46 -6.46
CA VAL C 159 18.40 37.67 -5.57
C VAL C 159 19.74 37.28 -6.19
N GLU C 160 20.74 37.08 -5.34
CA GLU C 160 22.08 36.67 -5.74
C GLU C 160 22.12 35.19 -6.13
N GLU C 161 23.13 34.81 -6.92
CA GLU C 161 23.35 33.41 -7.34
C GLU C 161 23.56 32.47 -6.16
N TRP C 162 23.02 31.27 -6.29
CA TRP C 162 23.13 30.21 -5.30
C TRP C 162 24.53 29.60 -5.33
N SER C 163 25.07 29.35 -4.14
CA SER C 163 26.42 28.82 -3.97
C SER C 163 26.43 27.34 -3.60
N ILE C 164 27.08 26.52 -4.43
CA ILE C 164 27.24 25.08 -4.18
C ILE C 164 28.24 24.82 -3.04
N GLU C 165 29.14 25.77 -2.82
CA GLU C 165 30.11 25.71 -1.74
C GLU C 165 29.39 25.79 -0.39
N ILE C 166 28.51 26.78 -0.26
CA ILE C 166 27.71 27.00 0.94
C ILE C 166 26.71 25.86 1.16
N ALA C 167 26.15 25.35 0.06
CA ALA C 167 25.18 24.26 0.11
C ALA C 167 25.75 22.97 0.72
N ALA C 168 27.02 22.71 0.44
CA ALA C 168 27.71 21.49 0.89
C ALA C 168 28.00 21.50 2.39
N LYS C 169 28.24 22.70 2.94
CA LYS C 169 28.65 22.88 4.33
C LYS C 169 27.58 22.47 5.34
N LEU C 170 28.03 22.26 6.58
CA LEU C 170 27.13 21.90 7.67
C LEU C 170 26.30 23.11 8.10
N GLN C 171 25.09 22.84 8.60
CA GLN C 171 24.18 23.87 9.10
C GLN C 171 24.83 24.70 10.21
N GLU C 172 25.68 24.03 11.00
CA GLU C 172 26.43 24.66 12.07
C GLU C 172 27.43 25.69 11.52
N GLN C 173 28.06 25.37 10.40
CA GLN C 173 29.00 26.27 9.72
C GLN C 173 28.34 27.46 9.03
N GLY C 174 27.02 27.37 8.82
CA GLY C 174 26.26 28.38 8.08
C GLY C 174 25.73 27.82 6.78
N GLY C 175 26.06 26.56 6.50
CA GLY C 175 25.67 25.89 5.26
C GLY C 175 24.27 25.31 5.29
N ASP C 176 23.97 24.50 4.27
CA ASP C 176 22.61 24.01 4.01
C ASP C 176 22.44 22.50 4.20
N GLU C 177 23.57 21.78 4.26
CA GLU C 177 23.58 20.31 4.39
C GLU C 177 22.88 19.58 3.23
N VAL C 178 23.29 19.90 2.01
CA VAL C 178 22.91 19.13 0.84
C VAL C 178 23.83 17.91 0.84
N PRO C 179 23.24 16.69 0.86
CA PRO C 179 24.02 15.45 0.95
C PRO C 179 25.21 15.40 -0.01
N SER C 180 26.35 14.93 0.49
CA SER C 180 27.62 14.93 -0.24
C SER C 180 27.64 14.06 -1.49
N GLU C 181 26.83 13.00 -1.51
CA GLU C 181 26.78 12.07 -2.65
C GLU C 181 26.24 12.73 -3.92
N ILE C 182 25.40 13.76 -3.74
CA ILE C 182 24.77 14.43 -4.86
C ILE C 182 25.38 15.81 -5.17
N ILE C 183 26.45 16.15 -4.46
CA ILE C 183 27.13 17.44 -4.65
C ILE C 183 27.84 17.54 -6.01
N ASP C 184 28.58 16.49 -6.38
CA ASP C 184 29.27 16.42 -7.67
C ASP C 184 28.32 16.23 -8.86
N LYS C 185 27.02 16.03 -8.56
CA LYS C 185 26.03 15.70 -9.58
C LYS C 185 25.03 16.83 -9.88
N ILE C 186 25.28 18.01 -9.32
CA ILE C 186 24.40 19.16 -9.57
C ILE C 186 24.93 20.06 -10.69
N ILE C 187 24.09 20.28 -11.70
CA ILE C 187 24.37 21.25 -12.77
C ILE C 187 23.57 22.52 -12.48
N TYR C 188 24.27 23.59 -12.10
CA TYR C 188 23.60 24.85 -11.78
C TYR C 188 23.53 25.79 -12.97
N MET C 189 22.33 26.35 -13.19
CA MET C 189 22.14 27.33 -14.26
C MET C 189 21.20 28.47 -13.84
N PRO C 190 21.77 29.66 -13.55
CA PRO C 190 21.02 30.86 -13.17
C PRO C 190 20.38 31.55 -14.37
N PHE C 191 19.31 32.31 -14.12
CA PHE C 191 18.59 33.02 -15.17
C PHE C 191 18.14 34.42 -14.73
N ASP C 192 18.29 35.39 -15.63
CA ASP C 192 18.00 36.79 -15.33
C ASP C 192 16.52 37.13 -15.35
N ASN C 193 15.76 36.49 -16.23
CA ASN C 193 14.31 36.66 -16.28
C ASN C 193 13.54 35.34 -16.43
N GLU C 194 12.25 35.37 -16.11
CA GLU C 194 11.40 34.17 -16.12
C GLU C 194 11.29 33.53 -17.50
N LYS C 195 11.16 34.37 -18.53
CA LYS C 195 11.02 33.90 -19.91
C LYS C 195 12.22 33.03 -20.33
N GLU C 196 13.43 33.54 -20.09
CA GLU C 196 14.67 32.82 -20.36
C GLU C 196 14.73 31.48 -19.65
N LEU C 197 14.46 31.50 -18.33
CA LEU C 197 14.38 30.29 -17.52
C LEU C 197 13.50 29.26 -18.20
N LEU C 198 12.23 29.63 -18.39
CA LEU C 198 11.23 28.78 -19.03
C LEU C 198 11.67 28.32 -20.43
N MET C 199 12.28 29.23 -21.18
CA MET C 199 12.73 28.96 -22.55
C MET C 199 13.75 27.82 -22.61
N GLU C 200 14.85 27.94 -21.87
CA GLU C 200 15.88 26.90 -21.85
C GLU C 200 15.36 25.60 -21.25
N TYR C 201 14.43 25.71 -20.30
CA TYR C 201 13.83 24.52 -19.70
C TYR C 201 13.14 23.66 -20.76
N LEU C 202 12.40 24.31 -21.67
CA LEU C 202 11.76 23.60 -22.78
C LEU C 202 12.77 22.94 -23.71
N ASN C 203 13.81 23.70 -24.08
CA ASN C 203 14.92 23.17 -24.90
C ASN C 203 15.57 21.95 -24.24
N PHE C 204 15.78 22.07 -22.92
CA PHE C 204 16.25 20.97 -22.09
C PHE C 204 15.28 19.79 -22.12
N TRP C 205 13.99 20.08 -22.07
CA TRP C 205 12.95 19.06 -22.06
C TRP C 205 12.92 18.30 -23.39
N GLN C 206 13.03 19.03 -24.50
CA GLN C 206 13.02 18.41 -25.84
C GLN C 206 14.20 17.46 -26.03
N GLN C 207 15.35 17.86 -25.50
CA GLN C 207 16.58 17.07 -25.61
C GLN C 207 16.55 15.87 -24.66
N LYS C 208 15.95 16.05 -23.48
CA LYS C 208 15.91 14.99 -22.48
C LYS C 208 14.48 14.67 -22.05
N THR C 209 13.62 14.40 -23.03
CA THR C 209 12.21 14.14 -22.78
C THR C 209 11.99 12.88 -21.95
N PRO C 210 11.35 13.03 -20.77
CA PRO C 210 11.05 11.93 -19.86
C PRO C 210 10.25 10.82 -20.53
N VAL C 211 10.59 9.58 -20.19
CA VAL C 211 9.76 8.43 -20.50
C VAL C 211 8.78 8.29 -19.33
N ILE C 212 9.33 8.13 -18.12
CA ILE C 212 8.53 8.16 -16.89
C ILE C 212 8.76 9.48 -16.19
N LEU C 213 7.68 10.20 -15.90
CA LEU C 213 7.77 11.41 -15.13
C LEU C 213 7.18 11.16 -13.74
N THR C 214 8.03 11.32 -12.72
CA THR C 214 7.66 11.03 -11.33
C THR C 214 8.00 12.21 -10.40
N GLY C 215 7.83 12.01 -9.10
CA GLY C 215 8.03 13.07 -8.12
C GLY C 215 6.85 13.17 -7.16
N TRP C 216 6.90 14.14 -6.26
CA TRP C 216 5.89 14.27 -5.22
C TRP C 216 4.85 15.32 -5.60
N ASN C 217 3.64 14.87 -5.91
CA ASN C 217 2.55 15.73 -6.39
C ASN C 217 2.83 16.38 -7.75
N VAL C 218 3.50 15.64 -8.63
CA VAL C 218 3.81 16.14 -9.97
C VAL C 218 2.57 16.24 -10.84
N GLU C 219 1.72 15.21 -10.78
CA GLU C 219 0.48 15.19 -11.55
C GLU C 219 -0.52 16.22 -11.01
N SER C 220 -0.46 16.44 -9.70
CA SER C 220 -1.39 17.32 -9.01
C SER C 220 -1.00 18.81 -9.08
N PHE C 221 0.31 19.08 -9.05
CA PHE C 221 0.81 20.46 -8.96
C PHE C 221 1.87 20.84 -10.01
N ALA C 222 2.98 20.11 -10.03
CA ALA C 222 4.11 20.46 -10.90
C ALA C 222 3.73 20.57 -12.38
N ILE C 223 3.30 19.46 -12.97
CA ILE C 223 2.96 19.41 -14.40
C ILE C 223 1.89 20.44 -14.79
N PRO C 224 0.75 20.50 -14.05
CA PRO C 224 -0.27 21.47 -14.44
C PRO C 224 0.21 22.91 -14.36
N TYR C 225 1.07 23.21 -13.39
CA TYR C 225 1.58 24.58 -13.24
C TYR C 225 2.50 25.00 -14.39
N VAL C 226 3.57 24.24 -14.62
CA VAL C 226 4.51 24.49 -15.70
C VAL C 226 3.83 24.53 -17.07
N TYR C 227 2.77 23.74 -17.25
CA TYR C 227 2.01 23.74 -18.49
C TYR C 227 1.26 25.05 -18.70
N ASN C 228 0.53 25.48 -17.68
CA ASN C 228 -0.31 26.68 -17.78
C ASN C 228 0.47 27.99 -17.76
N ARG C 229 1.61 27.99 -17.06
CA ARG C 229 2.49 29.15 -17.02
C ARG C 229 3.16 29.38 -18.36
N ILE C 230 3.56 28.30 -19.03
CA ILE C 230 4.07 28.37 -20.39
C ILE C 230 2.95 28.77 -21.36
N LYS C 231 1.77 28.18 -21.17
CA LYS C 231 0.60 28.47 -22.01
C LYS C 231 0.22 29.96 -21.94
N ASN C 232 0.24 30.52 -20.73
CA ASN C 232 -0.18 31.90 -20.53
C ASN C 232 0.83 32.95 -21.01
N ILE C 233 2.10 32.56 -21.06
CA ILE C 233 3.18 33.46 -21.49
C ILE C 233 3.48 33.33 -22.99
N PHE C 234 3.59 32.10 -23.47
CA PHE C 234 4.02 31.83 -24.85
C PHE C 234 2.86 31.48 -25.78
N GLY C 235 1.91 30.69 -25.27
CA GLY C 235 0.79 30.23 -26.07
C GLY C 235 0.61 28.72 -26.00
N GLU C 236 -0.59 28.26 -26.36
CA GLU C 236 -0.96 26.85 -26.33
C GLU C 236 0.11 25.94 -26.94
N SER C 237 0.47 26.22 -28.21
CA SER C 237 1.39 25.38 -28.98
C SER C 237 2.77 25.18 -28.35
N THR C 238 3.26 26.21 -27.67
CA THR C 238 4.55 26.13 -26.97
C THR C 238 4.43 25.29 -25.70
N ALA C 239 3.27 25.35 -25.06
CA ALA C 239 2.97 24.52 -23.90
C ALA C 239 2.78 23.05 -24.32
N LYS C 240 2.35 22.84 -25.57
CA LYS C 240 2.22 21.51 -26.16
C LYS C 240 3.58 20.82 -26.34
N ARG C 241 4.64 21.62 -26.27
CA ARG C 241 5.99 21.14 -26.50
C ARG C 241 6.48 20.24 -25.34
N LEU C 242 5.65 20.11 -24.30
CA LEU C 242 5.93 19.17 -23.20
C LEU C 242 5.67 17.72 -23.63
N SER C 243 4.87 17.57 -24.67
CA SER C 243 4.54 16.27 -25.24
C SER C 243 5.38 16.00 -26.50
N PRO C 244 6.00 14.80 -26.58
CA PRO C 244 6.82 14.38 -27.72
C PRO C 244 6.07 14.41 -29.05
N HIS C 245 4.75 14.20 -28.99
CA HIS C 245 3.89 14.19 -30.16
C HIS C 245 3.00 15.43 -30.17
N ARG C 246 3.39 16.43 -29.39
CA ARG C 246 2.76 17.76 -29.37
C ARG C 246 1.26 17.74 -29.05
N LYS C 247 0.83 16.78 -28.22
CA LYS C 247 -0.59 16.67 -27.88
C LYS C 247 -0.80 16.56 -26.37
N THR C 248 -1.57 17.50 -25.83
CA THR C 248 -1.94 17.49 -24.42
C THR C 248 -3.46 17.57 -24.30
N ARG C 249 -3.99 17.02 -23.21
CA ARG C 249 -5.42 17.06 -22.96
C ARG C 249 -5.70 17.28 -21.48
N VAL C 250 -6.61 18.20 -21.20
CA VAL C 250 -7.07 18.39 -19.82
C VAL C 250 -8.03 17.25 -19.47
N LYS C 251 -7.66 16.50 -18.45
CA LYS C 251 -8.47 15.39 -17.95
C LYS C 251 -9.21 15.84 -16.69
N VAL C 252 -10.52 15.61 -16.67
CA VAL C 252 -11.33 15.93 -15.51
C VAL C 252 -11.52 14.68 -14.65
N ILE C 253 -10.99 14.71 -13.44
CA ILE C 253 -11.18 13.61 -12.49
C ILE C 253 -12.23 13.98 -11.45
N GLU C 254 -13.36 13.28 -11.52
CA GLU C 254 -14.51 13.55 -10.69
C GLU C 254 -14.87 12.31 -9.87
N ASN C 255 -14.71 12.43 -8.55
CA ASN C 255 -15.06 11.33 -7.65
C ASN C 255 -16.45 11.51 -7.01
N MET C 256 -16.67 10.85 -5.87
CA MET C 256 -17.94 10.92 -5.15
C MET C 256 -18.15 12.27 -4.46
N TYR C 257 -17.09 13.07 -4.39
CA TYR C 257 -17.11 14.36 -3.70
C TYR C 257 -17.08 15.52 -4.68
N GLY C 258 -15.89 15.92 -5.12
CA GLY C 258 -15.73 17.00 -6.08
C GLY C 258 -15.07 16.55 -7.37
N SER C 259 -14.32 17.46 -7.99
CA SER C 259 -13.59 17.17 -9.21
C SER C 259 -12.33 18.02 -9.32
N ARG C 260 -11.30 17.47 -9.96
CA ARG C 260 -10.06 18.21 -10.17
C ARG C 260 -9.56 18.02 -11.60
N GLU C 261 -8.76 18.98 -12.07
CA GLU C 261 -8.22 18.91 -13.43
C GLU C 261 -6.73 18.62 -13.45
N ILE C 262 -6.35 17.61 -14.23
CA ILE C 262 -4.95 17.30 -14.50
C ILE C 262 -4.68 17.46 -15.98
N ILE C 263 -3.43 17.25 -16.38
CA ILE C 263 -3.03 17.38 -17.77
C ILE C 263 -2.31 16.12 -18.25
N THR C 264 -2.82 15.52 -19.31
CA THR C 264 -2.17 14.37 -19.94
C THR C 264 -1.04 14.88 -20.83
N LEU C 265 0.09 14.20 -20.77
CA LEU C 265 1.23 14.51 -21.64
C LEU C 265 1.48 13.33 -22.56
N PHE C 266 0.70 13.26 -23.63
CA PHE C 266 0.76 12.17 -24.60
C PHE C 266 2.20 11.84 -24.95
N GLY C 267 2.61 10.62 -24.63
CA GLY C 267 3.96 10.16 -24.94
C GLY C 267 4.88 10.18 -23.73
N ILE C 268 4.31 10.46 -22.56
CA ILE C 268 5.00 10.35 -21.28
C ILE C 268 4.11 9.56 -20.33
N SER C 269 4.71 8.60 -19.63
CA SER C 269 4.02 7.82 -18.60
C SER C 269 4.26 8.47 -17.24
N VAL C 270 3.25 9.20 -16.75
CA VAL C 270 3.35 9.89 -15.46
C VAL C 270 2.99 8.95 -14.31
N LEU C 271 3.95 8.76 -13.41
CA LEU C 271 3.76 7.99 -12.18
C LEU C 271 4.07 8.87 -10.98
N ASP C 272 3.08 9.66 -10.57
CA ASP C 272 3.20 10.51 -9.39
C ASP C 272 3.58 9.63 -8.22
N TYR C 273 4.68 9.95 -7.54
CA TYR C 273 5.21 9.03 -6.53
C TYR C 273 4.29 8.85 -5.32
N ILE C 274 3.66 9.95 -4.89
CA ILE C 274 2.67 9.89 -3.82
C ILE C 274 1.62 8.81 -4.12
N ASP C 275 1.29 8.66 -5.41
CA ASP C 275 0.34 7.64 -5.85
C ASP C 275 0.91 6.22 -5.82
N LEU C 276 2.18 6.06 -6.15
CA LEU C 276 2.85 4.77 -5.96
C LEU C 276 2.86 4.39 -4.47
N TYR C 277 3.11 5.39 -3.63
CA TYR C 277 3.20 5.17 -2.20
C TYR C 277 1.86 4.72 -1.62
N LYS C 278 0.80 5.43 -1.96
CA LYS C 278 -0.54 5.10 -1.46
C LYS C 278 -1.02 3.72 -1.90
N LYS C 279 -0.60 3.31 -3.10
CA LYS C 279 -0.98 2.01 -3.64
C LYS C 279 -0.13 0.87 -3.10
N PHE C 280 1.18 1.07 -3.00
CA PHE C 280 2.09 -0.03 -2.73
C PHE C 280 2.75 -0.06 -1.35
N SER C 281 2.61 1.00 -0.55
CA SER C 281 3.22 1.03 0.78
C SER C 281 2.45 0.25 1.83
N PHE C 282 1.13 0.15 1.65
CA PHE C 282 0.24 -0.57 2.59
C PHE C 282 0.32 0.02 4.00
N THR C 283 0.42 1.34 4.04
CA THR C 283 0.47 2.10 5.27
C THR C 283 -0.39 3.34 5.08
N ASN C 284 -1.43 3.47 5.89
CA ASN C 284 -2.21 4.69 5.93
C ASN C 284 -1.49 5.68 6.83
N GLN C 285 -1.19 6.86 6.29
CA GLN C 285 -0.41 7.86 7.02
C GLN C 285 -1.27 9.05 7.47
N PRO C 286 -0.91 9.68 8.61
CA PRO C 286 -1.64 10.85 9.05
C PRO C 286 -1.43 12.05 8.11
N SER C 287 -0.30 12.07 7.42
CA SER C 287 0.03 13.15 6.52
C SER C 287 0.73 12.59 5.31
N TYR C 288 0.57 13.27 4.17
CA TYR C 288 1.22 12.84 2.93
C TYR C 288 2.09 13.93 2.32
N SER C 289 2.53 14.86 3.17
CA SER C 289 3.56 15.84 2.80
C SER C 289 4.90 15.12 2.72
N LEU C 290 5.75 15.59 1.82
CA LEU C 290 7.04 14.96 1.58
C LEU C 290 7.94 14.95 2.82
N ASP C 291 7.91 16.03 3.60
CA ASP C 291 8.66 16.09 4.85
C ASP C 291 8.27 14.94 5.78
N TYR C 292 6.96 14.74 5.94
CA TYR C 292 6.43 13.70 6.82
C TYR C 292 6.77 12.28 6.37
N ILE C 293 6.59 12.01 5.08
CA ILE C 293 6.90 10.70 4.53
C ILE C 293 8.39 10.44 4.56
N SER C 294 9.19 11.48 4.32
CA SER C 294 10.64 11.36 4.35
C SER C 294 11.16 10.95 5.72
N GLU C 295 10.61 11.57 6.76
CA GLU C 295 11.04 11.29 8.12
C GLU C 295 10.62 9.88 8.54
N PHE C 296 9.45 9.44 8.07
CA PHE C 296 8.96 8.10 8.34
C PHE C 296 9.82 7.04 7.65
N GLU C 297 10.11 7.25 6.37
CA GLU C 297 10.83 6.28 5.56
C GLU C 297 12.34 6.22 5.82
N LEU C 298 12.95 7.38 5.99
CA LEU C 298 14.41 7.49 6.00
C LEU C 298 14.96 7.96 7.34
N ASN C 299 14.07 8.44 8.21
CA ASN C 299 14.46 8.98 9.51
C ASN C 299 15.42 10.16 9.37
N VAL C 300 15.09 11.08 8.46
CA VAL C 300 15.93 12.27 8.25
C VAL C 300 15.23 13.57 8.65
N GLY C 301 14.14 13.90 7.94
CA GLY C 301 13.44 15.18 8.14
C GLY C 301 14.28 16.33 7.61
N LYS C 302 13.62 17.44 7.27
CA LYS C 302 14.32 18.57 6.67
C LYS C 302 14.79 19.62 7.68
N LEU C 303 15.81 20.38 7.28
CA LEU C 303 16.33 21.49 8.07
C LEU C 303 15.31 22.63 8.11
N LYS C 304 15.26 23.34 9.23
CA LYS C 304 14.26 24.37 9.48
C LYS C 304 14.60 25.67 8.77
N TYR C 305 13.62 26.56 8.69
CA TYR C 305 13.83 27.92 8.18
C TYR C 305 12.97 28.95 8.90
N ASP C 306 13.50 30.16 9.03
CA ASP C 306 12.80 31.24 9.72
C ASP C 306 11.77 31.91 8.80
N GLY C 307 10.58 32.16 9.33
CA GLY C 307 9.51 32.83 8.60
C GLY C 307 8.68 31.92 7.70
N PRO C 308 7.61 32.47 7.09
CA PRO C 308 6.77 31.72 6.14
C PRO C 308 7.49 31.48 4.81
N ILE C 309 7.00 30.51 4.03
CA ILE C 309 7.63 30.14 2.76
C ILE C 309 7.58 31.24 1.69
N SER C 310 6.50 32.03 1.70
CA SER C 310 6.32 33.13 0.74
C SER C 310 7.33 34.26 0.92
N LYS C 311 7.99 34.30 2.08
CA LYS C 311 9.03 35.27 2.36
C LYS C 311 10.44 34.66 2.35
N LEU C 312 10.53 33.39 1.97
CA LEU C 312 11.79 32.65 2.05
C LEU C 312 12.81 33.03 0.97
N ARG C 313 12.34 33.14 -0.27
CA ARG C 313 13.22 33.54 -1.38
C ARG C 313 13.82 34.93 -1.12
N GLU C 314 13.05 35.79 -0.48
CA GLU C 314 13.50 37.11 -0.06
C GLU C 314 14.67 37.01 0.92
N SER C 315 14.37 36.49 2.11
CA SER C 315 15.29 36.48 3.24
C SER C 315 16.46 35.51 3.08
N ASN C 316 16.20 34.34 2.51
CA ASN C 316 17.22 33.30 2.37
C ASN C 316 17.08 32.50 1.09
N HIS C 317 17.42 33.12 -0.03
CA HIS C 317 17.39 32.48 -1.34
C HIS C 317 18.31 31.26 -1.42
N GLN C 318 19.38 31.29 -0.63
CA GLN C 318 20.33 30.17 -0.55
C GLN C 318 19.67 28.85 -0.12
N ARG C 319 19.00 28.85 1.03
CA ARG C 319 18.28 27.67 1.53
C ARG C 319 17.09 27.32 0.64
N TYR C 320 16.48 28.36 0.06
CA TYR C 320 15.32 28.25 -0.82
C TYR C 320 15.59 27.31 -1.99
N ILE C 321 16.79 27.40 -2.56
CA ILE C 321 17.18 26.54 -3.68
C ILE C 321 17.61 25.17 -3.18
N SER C 322 18.32 25.15 -2.05
CA SER C 322 18.81 23.92 -1.45
C SER C 322 17.68 22.96 -1.13
N TYR C 323 16.62 23.49 -0.53
CA TYR C 323 15.46 22.68 -0.16
C TYR C 323 14.78 22.04 -1.36
N ASN C 324 14.63 22.83 -2.44
CA ASN C 324 14.08 22.29 -3.69
C ASN C 324 14.93 21.17 -4.29
N ILE C 325 16.24 21.25 -4.08
CA ILE C 325 17.15 20.20 -4.52
C ILE C 325 17.03 18.96 -3.63
N ILE C 326 17.02 19.16 -2.32
CA ILE C 326 16.86 18.07 -1.35
C ILE C 326 15.56 17.29 -1.60
N ASP C 327 14.44 18.01 -1.70
CA ASP C 327 13.13 17.43 -1.99
C ASP C 327 13.12 16.45 -3.15
N VAL C 328 13.81 16.81 -4.24
CA VAL C 328 13.91 15.92 -5.40
C VAL C 328 14.69 14.66 -5.05
N TYR C 329 15.75 14.83 -4.26
CA TYR C 329 16.56 13.69 -3.83
C TYR C 329 15.81 12.78 -2.84
N ARG C 330 14.98 13.38 -2.00
CA ARG C 330 14.14 12.64 -1.04
C ARG C 330 13.38 11.52 -1.76
N VAL C 331 12.68 11.87 -2.84
CA VAL C 331 11.92 10.90 -3.63
C VAL C 331 12.80 9.75 -4.13
N LEU C 332 14.02 10.08 -4.56
CA LEU C 332 14.97 9.09 -5.04
C LEU C 332 15.44 8.15 -3.93
N GLN C 333 15.67 8.71 -2.74
CA GLN C 333 16.03 7.90 -1.58
C GLN C 333 14.88 6.97 -1.19
N ILE C 334 13.66 7.51 -1.20
CA ILE C 334 12.47 6.72 -0.90
C ILE C 334 12.32 5.57 -1.91
N ASP C 335 12.56 5.86 -3.18
CA ASP C 335 12.51 4.83 -4.21
C ASP C 335 13.66 3.83 -4.13
N ALA C 336 14.83 4.30 -3.72
CA ALA C 336 15.98 3.42 -3.52
C ALA C 336 15.66 2.36 -2.45
N LYS C 337 14.76 2.71 -1.54
CA LYS C 337 14.36 1.85 -0.44
C LYS C 337 13.15 0.98 -0.80
N ARG C 338 12.09 1.63 -1.30
CA ARG C 338 10.84 0.93 -1.59
C ARG C 338 10.80 0.27 -2.97
N GLN C 339 11.46 0.89 -3.95
CA GLN C 339 11.59 0.34 -5.31
C GLN C 339 10.26 0.27 -6.08
N PHE C 340 9.46 1.33 -5.96
CA PHE C 340 8.12 1.36 -6.55
C PHE C 340 8.15 1.60 -8.06
N ILE C 341 9.20 2.23 -8.55
CA ILE C 341 9.36 2.48 -9.99
C ILE C 341 9.80 1.19 -10.69
N ASN C 342 10.78 0.48 -10.13
CA ASN C 342 11.17 -0.84 -10.62
C ASN C 342 9.98 -1.78 -10.67
N LEU C 343 9.19 -1.82 -9.59
CA LEU C 343 8.00 -2.65 -9.50
C LEU C 343 7.03 -2.37 -10.64
N SER C 344 6.78 -1.10 -10.90
CA SER C 344 5.84 -0.67 -11.93
C SER C 344 6.33 -1.01 -13.33
N LEU C 345 7.64 -1.02 -13.53
CA LEU C 345 8.21 -1.43 -14.81
C LEU C 345 8.09 -2.96 -15.01
N ASP C 346 8.51 -3.71 -14.00
CA ASP C 346 8.40 -5.18 -14.04
C ASP C 346 6.97 -5.64 -14.32
N MET C 347 6.01 -4.90 -13.77
CA MET C 347 4.60 -5.22 -13.92
C MET C 347 4.07 -4.86 -15.31
N GLY C 348 4.31 -3.61 -15.72
CA GLY C 348 3.83 -3.06 -16.98
C GLY C 348 4.36 -3.76 -18.23
N TYR C 349 5.63 -4.17 -18.19
CA TYR C 349 6.20 -4.93 -19.29
C TYR C 349 5.68 -6.37 -19.31
N TYR C 350 5.42 -6.92 -18.13
CA TYR C 350 4.86 -8.27 -18.02
C TYR C 350 3.42 -8.30 -18.53
N ALA C 351 2.65 -7.27 -18.19
CA ALA C 351 1.25 -7.19 -18.61
C ALA C 351 1.10 -6.66 -20.05
N LYS C 352 2.20 -6.15 -20.60
CA LYS C 352 2.21 -5.50 -21.90
C LYS C 352 1.19 -4.35 -21.95
N ILE C 353 1.32 -3.43 -21.01
CA ILE C 353 0.43 -2.28 -20.89
C ILE C 353 1.23 -0.99 -20.80
N GLN C 354 0.55 0.14 -21.00
CA GLN C 354 1.12 1.45 -20.68
C GLN C 354 1.56 1.44 -19.23
N ILE C 355 2.79 1.86 -18.95
CA ILE C 355 3.34 1.75 -17.60
C ILE C 355 2.41 2.31 -16.52
N GLN C 356 1.75 3.44 -16.80
CA GLN C 356 0.82 4.06 -15.85
C GLN C 356 -0.35 3.16 -15.47
N SER C 357 -0.68 2.21 -16.35
CA SER C 357 -1.82 1.31 -16.13
C SER C 357 -1.63 0.33 -14.97
N VAL C 358 -0.46 0.37 -14.35
CA VAL C 358 -0.23 -0.40 -13.13
C VAL C 358 -1.19 0.00 -12.00
N PHE C 359 -1.70 1.23 -12.04
CA PHE C 359 -2.68 1.70 -11.08
C PHE C 359 -4.05 1.04 -11.27
N SER C 360 -4.21 0.38 -12.42
CA SER C 360 -5.46 -0.27 -12.77
C SER C 360 -5.27 -1.79 -12.89
N PRO C 361 -5.63 -2.53 -11.83
CA PRO C 361 -5.66 -3.99 -11.84
C PRO C 361 -6.58 -4.57 -12.91
N ILE C 362 -7.70 -3.88 -13.20
CA ILE C 362 -8.61 -4.32 -14.25
C ILE C 362 -7.95 -4.24 -15.63
N LYS C 363 -7.38 -3.08 -15.94
CA LYS C 363 -6.59 -2.93 -17.16
C LYS C 363 -5.47 -3.95 -17.23
N THR C 364 -4.87 -4.24 -16.08
CA THR C 364 -3.74 -5.16 -15.97
C THR C 364 -4.15 -6.58 -16.34
N TRP C 365 -5.23 -7.07 -15.73
CA TRP C 365 -5.68 -8.43 -15.94
C TRP C 365 -6.35 -8.65 -17.28
N ASP C 366 -7.01 -7.61 -17.79
CA ASP C 366 -7.64 -7.68 -19.10
C ASP C 366 -6.59 -7.85 -20.20
N ALA C 367 -5.40 -7.27 -19.99
CA ALA C 367 -4.29 -7.40 -20.92
C ALA C 367 -3.56 -8.73 -20.78
N ILE C 368 -3.38 -9.17 -19.52
CA ILE C 368 -2.75 -10.47 -19.23
C ILE C 368 -3.57 -11.61 -19.83
N ILE C 369 -4.89 -11.57 -19.61
CA ILE C 369 -5.78 -12.62 -20.09
C ILE C 369 -5.90 -12.61 -21.61
N PHE C 370 -6.04 -11.40 -22.18
CA PHE C 370 -6.10 -11.22 -23.64
C PHE C 370 -4.87 -11.79 -24.33
N ASN C 371 -3.69 -11.48 -23.78
CA ASN C 371 -2.40 -11.94 -24.31
C ASN C 371 -2.18 -13.44 -24.16
N SER C 372 -2.74 -14.02 -23.11
CA SER C 372 -2.67 -15.46 -22.88
C SER C 372 -3.59 -16.22 -23.85
N LEU C 373 -4.77 -15.66 -24.08
CA LEU C 373 -5.76 -16.21 -25.02
C LEU C 373 -5.32 -16.06 -26.48
N LYS C 374 -4.79 -14.88 -26.82
CA LYS C 374 -4.28 -14.58 -28.16
C LYS C 374 -3.23 -15.59 -28.63
N GLU C 375 -2.43 -16.10 -27.71
CA GLU C 375 -1.43 -17.13 -28.01
C GLU C 375 -2.06 -18.46 -28.44
N GLN C 376 -3.22 -18.78 -27.87
CA GLN C 376 -3.95 -19.99 -28.23
C GLN C 376 -4.85 -19.75 -29.45
N ASN C 377 -4.69 -18.58 -30.08
CA ASN C 377 -5.56 -18.12 -31.18
C ASN C 377 -7.02 -17.94 -30.79
N LYS C 378 -7.25 -17.45 -29.57
CA LYS C 378 -8.61 -17.29 -29.06
C LYS C 378 -9.07 -15.84 -28.99
N VAL C 379 -10.39 -15.69 -28.97
CA VAL C 379 -11.04 -14.39 -29.10
C VAL C 379 -11.76 -14.03 -27.80
N ILE C 380 -11.43 -12.86 -27.26
CA ILE C 380 -11.98 -12.41 -25.99
C ILE C 380 -13.43 -11.91 -26.14
N PRO C 381 -14.31 -12.26 -25.19
CA PRO C 381 -15.70 -11.80 -25.24
C PRO C 381 -15.81 -10.28 -25.12
N GLN C 382 -16.88 -9.71 -25.66
CA GLN C 382 -17.10 -8.27 -25.61
C GLN C 382 -17.41 -7.80 -24.19
N GLY C 383 -16.94 -6.60 -23.86
CA GLY C 383 -17.25 -5.99 -22.59
C GLY C 383 -18.71 -5.56 -22.54
N ARG C 384 -19.47 -6.22 -21.66
CA ARG C 384 -20.89 -5.91 -21.48
C ARG C 384 -21.09 -4.89 -20.36
N SER C 385 -22.32 -4.39 -20.24
CA SER C 385 -22.68 -3.49 -19.16
C SER C 385 -23.55 -4.23 -18.15
N HIS C 386 -23.30 -3.99 -16.87
CA HIS C 386 -24.00 -4.68 -15.79
C HIS C 386 -24.38 -3.74 -14.65
N PRO C 387 -25.56 -3.97 -14.04
CA PRO C 387 -25.91 -3.25 -12.81
C PRO C 387 -25.08 -3.72 -11.61
N VAL C 388 -24.59 -2.77 -10.83
CA VAL C 388 -23.83 -3.06 -9.60
C VAL C 388 -24.72 -3.84 -8.63
N GLN C 389 -24.16 -4.90 -8.05
CA GLN C 389 -24.94 -5.83 -7.24
C GLN C 389 -24.10 -6.44 -6.11
N PRO C 390 -24.66 -6.49 -4.89
CA PRO C 390 -23.95 -7.04 -3.73
C PRO C 390 -23.77 -8.55 -3.81
N TYR C 391 -22.74 -9.07 -3.14
CA TYR C 391 -22.50 -10.51 -3.02
C TYR C 391 -21.69 -10.81 -1.76
N PRO C 392 -21.72 -12.06 -1.26
CA PRO C 392 -21.11 -12.33 0.05
C PRO C 392 -19.61 -12.61 0.00
N GLY C 393 -18.95 -12.36 1.14
CA GLY C 393 -17.50 -12.52 1.26
C GLY C 393 -17.06 -13.53 2.30
N ALA C 394 -16.08 -13.15 3.11
CA ALA C 394 -15.43 -14.06 4.05
C ALA C 394 -16.27 -14.36 5.29
N PHE C 395 -15.90 -15.43 5.99
CA PHE C 395 -16.42 -15.70 7.30
C PHE C 395 -15.44 -15.21 8.36
N VAL C 396 -15.95 -14.58 9.40
CA VAL C 396 -15.16 -14.16 10.56
C VAL C 396 -15.85 -14.67 11.81
N LYS C 397 -15.11 -15.41 12.63
CA LYS C 397 -15.64 -15.99 13.86
C LYS C 397 -15.81 -14.93 14.95
N GLU C 398 -16.95 -14.97 15.65
CA GLU C 398 -17.19 -14.10 16.79
C GLU C 398 -16.49 -14.66 18.03
N PRO C 399 -15.34 -14.05 18.42
CA PRO C 399 -14.59 -14.56 19.56
C PRO C 399 -15.24 -14.19 20.89
N ILE C 400 -14.98 -14.96 21.92
CA ILE C 400 -15.41 -14.59 23.27
C ILE C 400 -14.43 -13.56 23.84
N PRO C 401 -14.92 -12.36 24.18
CA PRO C 401 -14.00 -11.35 24.68
C PRO C 401 -13.40 -11.79 26.01
N ASN C 402 -12.09 -12.03 25.99
CA ASN C 402 -11.38 -12.56 27.14
C ASN C 402 -9.87 -12.39 26.94
N ARG C 403 -9.11 -12.63 28.00
CA ARG C 403 -7.67 -12.82 27.89
C ARG C 403 -7.43 -14.26 27.41
N TYR C 404 -6.33 -14.47 26.69
CA TYR C 404 -5.96 -15.80 26.20
C TYR C 404 -4.46 -15.97 26.36
N LYS C 405 -4.03 -16.94 27.19
CA LYS C 405 -2.65 -17.02 27.66
C LYS C 405 -1.66 -17.53 26.60
N TYR C 406 -1.89 -18.75 26.11
CA TYR C 406 -1.02 -19.35 25.12
C TYR C 406 -1.79 -19.55 23.83
N VAL C 407 -1.34 -18.90 22.77
CA VAL C 407 -2.01 -18.94 21.49
C VAL C 407 -1.04 -19.32 20.38
N MET C 408 -1.54 -20.03 19.38
CA MET C 408 -0.79 -20.37 18.19
C MET C 408 -1.68 -20.18 16.96
N SER C 409 -1.16 -19.51 15.93
CA SER C 409 -1.98 -19.21 14.75
C SER C 409 -1.51 -19.92 13.48
N PHE C 410 -2.48 -20.20 12.60
CA PHE C 410 -2.24 -20.83 11.30
C PHE C 410 -3.02 -20.07 10.25
N ASP C 411 -2.49 -20.00 9.04
CA ASP C 411 -3.10 -19.19 7.97
C ASP C 411 -2.86 -19.76 6.58
N LEU C 412 -3.90 -19.73 5.76
CA LEU C 412 -3.86 -20.28 4.40
C LEU C 412 -3.01 -19.44 3.46
N THR C 413 -2.10 -20.10 2.76
CA THR C 413 -1.24 -19.46 1.77
C THR C 413 -2.04 -19.12 0.52
N SER C 414 -1.96 -17.85 0.11
CA SER C 414 -2.64 -17.35 -1.09
C SER C 414 -4.03 -17.95 -1.22
N LEU C 415 -4.89 -17.65 -0.26
CA LEU C 415 -6.18 -18.31 -0.18
C LEU C 415 -6.95 -18.27 -1.50
N TYR C 416 -7.28 -17.06 -1.97
CA TYR C 416 -8.13 -16.92 -3.16
C TYR C 416 -7.51 -17.44 -4.46
N PRO C 417 -6.24 -17.09 -4.73
CA PRO C 417 -5.59 -17.74 -5.87
C PRO C 417 -5.56 -19.26 -5.73
N SER C 418 -5.26 -19.76 -4.54
CA SER C 418 -5.21 -21.22 -4.33
C SER C 418 -6.58 -21.83 -4.57
N ILE C 419 -7.64 -21.16 -4.13
CA ILE C 419 -9.01 -21.64 -4.36
C ILE C 419 -9.33 -21.67 -5.86
N ILE C 420 -9.02 -20.58 -6.55
CA ILE C 420 -9.18 -20.49 -8.00
C ILE C 420 -8.51 -21.67 -8.70
N ARG C 421 -7.28 -21.97 -8.29
CA ARG C 421 -6.50 -23.05 -8.88
C ARG C 421 -7.02 -24.43 -8.50
N GLN C 422 -7.38 -24.60 -7.23
CA GLN C 422 -7.91 -25.87 -6.74
C GLN C 422 -9.23 -26.24 -7.41
N VAL C 423 -10.11 -25.25 -7.56
CA VAL C 423 -11.46 -25.49 -8.08
C VAL C 423 -11.52 -25.36 -9.61
N ASN C 424 -10.49 -24.77 -10.19
CA ASN C 424 -10.40 -24.52 -11.62
C ASN C 424 -11.46 -23.50 -12.06
N ILE C 425 -11.55 -22.39 -11.32
CA ILE C 425 -12.54 -21.34 -11.58
C ILE C 425 -12.08 -20.35 -12.65
N SER C 426 -12.94 -20.15 -13.66
CA SER C 426 -12.63 -19.37 -14.86
C SER C 426 -13.91 -19.21 -15.69
N PRO C 427 -14.00 -18.15 -16.52
CA PRO C 427 -15.21 -17.92 -17.32
C PRO C 427 -15.58 -19.02 -18.32
N GLU C 428 -14.59 -19.82 -18.74
CA GLU C 428 -14.78 -20.84 -19.78
C GLU C 428 -14.81 -22.27 -19.25
N THR C 429 -14.56 -22.42 -17.96
CA THR C 429 -14.45 -23.72 -17.33
C THR C 429 -15.75 -24.13 -16.61
N ILE C 430 -16.74 -23.23 -16.63
CA ILE C 430 -18.05 -23.46 -16.01
C ILE C 430 -18.74 -24.68 -16.61
N ALA C 431 -19.25 -25.55 -15.74
CA ALA C 431 -19.84 -26.82 -16.17
C ALA C 431 -21.35 -26.90 -15.95
N GLY C 432 -21.87 -26.10 -15.03
CA GLY C 432 -23.29 -26.09 -14.71
C GLY C 432 -23.54 -25.85 -13.23
N THR C 433 -24.73 -26.23 -12.77
CA THR C 433 -25.14 -26.01 -11.38
C THR C 433 -25.72 -27.26 -10.74
N PHE C 434 -25.49 -27.43 -9.43
CA PHE C 434 -26.14 -28.48 -8.64
C PHE C 434 -27.00 -27.87 -7.54
N LYS C 435 -28.02 -28.60 -7.10
CA LYS C 435 -28.89 -28.14 -6.01
C LYS C 435 -28.12 -28.09 -4.69
N VAL C 436 -28.19 -26.94 -4.03
CA VAL C 436 -27.32 -26.62 -2.89
C VAL C 436 -27.96 -26.90 -1.52
N ALA C 437 -27.16 -27.44 -0.60
CA ALA C 437 -27.56 -27.64 0.79
C ALA C 437 -27.02 -26.49 1.66
N PRO C 438 -27.72 -26.17 2.77
CA PRO C 438 -27.23 -25.14 3.71
C PRO C 438 -25.74 -25.31 4.04
N LEU C 439 -25.03 -24.18 4.08
CA LEU C 439 -23.57 -24.14 4.20
C LEU C 439 -23.01 -25.00 5.35
N HIS C 440 -23.76 -25.08 6.45
CA HIS C 440 -23.43 -25.91 7.61
C HIS C 440 -23.29 -27.41 7.28
N ASP C 441 -24.08 -27.88 6.33
CA ASP C 441 -24.12 -29.31 5.97
C ASP C 441 -22.82 -29.79 5.33
N TYR C 442 -22.14 -28.90 4.61
CA TYR C 442 -20.87 -29.23 3.99
C TYR C 442 -19.74 -29.23 5.00
N ILE C 443 -19.74 -28.23 5.89
CA ILE C 443 -18.75 -28.10 6.95
C ILE C 443 -18.61 -29.35 7.83
N ASN C 444 -19.74 -29.99 8.15
CA ASN C 444 -19.72 -31.19 8.98
C ASN C 444 -19.68 -32.49 8.19
N ALA C 445 -19.69 -32.38 6.86
CA ALA C 445 -19.69 -33.53 5.94
C ALA C 445 -20.95 -34.39 6.08
N VAL C 446 -22.11 -33.77 5.88
CA VAL C 446 -23.40 -34.46 6.03
C VAL C 446 -24.29 -34.26 4.80
N ALA C 447 -23.98 -33.25 3.98
CA ALA C 447 -24.68 -33.04 2.72
C ALA C 447 -24.22 -34.08 1.70
N GLU C 448 -25.04 -34.32 0.67
CA GLU C 448 -24.65 -35.24 -0.39
C GLU C 448 -23.47 -34.67 -1.19
N ARG C 449 -22.59 -35.57 -1.65
CA ARG C 449 -21.43 -35.19 -2.43
C ARG C 449 -21.88 -34.58 -3.75
N PRO C 450 -21.45 -33.33 -4.03
CA PRO C 450 -21.95 -32.54 -5.17
C PRO C 450 -21.80 -33.20 -6.55
N SER C 451 -20.62 -33.76 -6.83
CA SER C 451 -20.39 -34.44 -8.12
C SER C 451 -19.30 -35.51 -8.06
N ASP C 452 -19.31 -36.36 -9.07
CA ASP C 452 -18.24 -37.34 -9.32
C ASP C 452 -17.40 -36.93 -10.51
N VAL C 453 -17.96 -36.09 -11.37
CA VAL C 453 -17.32 -35.72 -12.63
C VAL C 453 -16.81 -34.28 -12.69
N TYR C 454 -17.42 -33.39 -11.91
CA TYR C 454 -17.05 -31.97 -11.94
C TYR C 454 -16.45 -31.47 -10.62
N SER C 455 -15.72 -30.36 -10.72
CA SER C 455 -15.14 -29.68 -9.55
C SER C 455 -16.07 -28.59 -9.07
N CYS C 456 -16.42 -28.63 -7.78
CA CYS C 456 -17.52 -27.83 -7.25
C CYS C 456 -17.15 -26.84 -6.15
N SER C 457 -18.04 -25.89 -5.93
CA SER C 457 -17.98 -24.95 -4.82
C SER C 457 -19.37 -24.91 -4.16
N PRO C 458 -19.42 -24.82 -2.81
CA PRO C 458 -20.67 -24.89 -2.04
C PRO C 458 -21.68 -23.78 -2.33
N ASN C 459 -21.45 -22.99 -3.37
CA ASN C 459 -22.42 -22.01 -3.83
C ASN C 459 -23.30 -22.57 -4.94
N GLY C 460 -23.02 -23.81 -5.35
CA GLY C 460 -23.82 -24.49 -6.36
C GLY C 460 -23.19 -24.62 -7.73
N MET C 461 -22.02 -24.00 -7.90
CA MET C 461 -21.35 -23.93 -9.20
C MET C 461 -20.46 -25.14 -9.47
N MET C 462 -20.35 -25.50 -10.76
CA MET C 462 -19.54 -26.65 -11.19
C MET C 462 -18.52 -26.28 -12.25
N TYR C 463 -17.41 -27.01 -12.27
CA TYR C 463 -16.28 -26.70 -13.16
C TYR C 463 -15.63 -27.97 -13.70
N TYR C 464 -15.03 -27.86 -14.89
CA TYR C 464 -14.36 -29.00 -15.52
C TYR C 464 -13.03 -29.33 -14.85
N LYS C 465 -12.81 -30.62 -14.58
CA LYS C 465 -11.60 -31.07 -13.90
C LYS C 465 -10.41 -31.27 -14.85
N ASP C 466 -10.70 -31.77 -16.05
CA ASP C 466 -9.65 -32.08 -17.02
C ASP C 466 -9.11 -30.83 -17.72
N ARG C 467 -10.02 -29.98 -18.21
CA ARG C 467 -9.65 -28.77 -18.95
C ARG C 467 -8.73 -27.83 -18.15
N ASP C 468 -7.84 -27.15 -18.87
CA ASP C 468 -7.01 -26.11 -18.28
C ASP C 468 -7.79 -24.80 -18.27
N GLY C 469 -7.71 -24.08 -17.16
CA GLY C 469 -8.43 -22.82 -17.01
C GLY C 469 -7.51 -21.62 -17.19
N VAL C 470 -8.01 -20.61 -17.91
CA VAL C 470 -7.23 -19.41 -18.24
C VAL C 470 -6.84 -18.58 -17.00
N VAL C 471 -7.81 -18.35 -16.13
CA VAL C 471 -7.55 -17.64 -14.89
C VAL C 471 -6.64 -18.47 -13.97
N PRO C 472 -6.96 -19.76 -13.74
CA PRO C 472 -6.05 -20.59 -12.97
C PRO C 472 -4.62 -20.63 -13.53
N THR C 473 -4.48 -20.72 -14.85
CA THR C 473 -3.16 -20.85 -15.46
C THR C 473 -2.30 -19.59 -15.29
N GLU C 474 -2.89 -18.42 -15.50
CA GLU C 474 -2.14 -17.16 -15.42
C GLU C 474 -1.81 -16.75 -13.98
N ILE C 475 -2.76 -16.96 -13.07
CA ILE C 475 -2.56 -16.62 -11.66
C ILE C 475 -1.49 -17.50 -11.01
N THR C 476 -1.29 -18.71 -11.54
CA THR C 476 -0.25 -19.62 -11.07
C THR C 476 1.12 -19.00 -11.29
N LYS C 477 1.32 -18.42 -12.48
CA LYS C 477 2.56 -17.74 -12.86
C LYS C 477 2.92 -16.61 -11.88
N TRP C 478 1.92 -16.14 -11.13
CA TRP C 478 2.10 -15.04 -10.19
C TRP C 478 2.34 -15.52 -8.75
N VAL C 479 1.71 -16.62 -8.37
CA VAL C 479 1.83 -17.18 -7.02
C VAL C 479 3.26 -17.63 -6.70
N SER C 480 3.89 -18.35 -7.62
CA SER C 480 5.28 -18.81 -7.44
C SER C 480 6.29 -17.67 -7.30
N GLN C 481 5.99 -16.52 -7.92
CA GLN C 481 6.83 -15.34 -7.78
C GLN C 481 6.74 -14.77 -6.35
N ARG C 482 5.53 -14.78 -5.81
CA ARG C 482 5.28 -14.32 -4.44
C ARG C 482 5.99 -15.18 -3.40
N LYS C 483 5.95 -16.50 -3.56
CA LYS C 483 6.62 -17.41 -2.62
C LYS C 483 8.14 -17.17 -2.61
N GLU C 484 8.69 -16.85 -3.77
CA GLU C 484 10.11 -16.54 -3.91
C GLU C 484 10.48 -15.30 -3.11
N HIS C 485 9.77 -14.20 -3.36
CA HIS C 485 10.03 -12.92 -2.71
C HIS C 485 9.64 -12.89 -1.23
N LYS C 486 8.67 -13.73 -0.84
CA LYS C 486 8.33 -13.85 0.58
C LYS C 486 9.40 -14.64 1.31
N GLY C 487 9.96 -15.64 0.62
CA GLY C 487 11.07 -16.44 1.13
C GLY C 487 12.29 -15.58 1.43
N TYR C 488 12.60 -14.65 0.52
CA TYR C 488 13.70 -13.71 0.73
C TYR C 488 13.41 -12.76 1.89
N MET C 489 12.16 -12.32 1.98
CA MET C 489 11.72 -11.43 3.05
C MET C 489 11.94 -12.05 4.43
N LEU C 490 11.48 -13.28 4.60
CA LEU C 490 11.59 -13.98 5.89
C LEU C 490 13.03 -14.29 6.26
N ALA C 491 13.83 -14.66 5.26
CA ALA C 491 15.25 -14.95 5.48
C ALA C 491 16.00 -13.71 5.98
N ALA C 492 15.72 -12.56 5.37
CA ALA C 492 16.30 -11.29 5.79
C ALA C 492 15.91 -10.94 7.21
N GLN C 493 14.71 -11.37 7.59
CA GLN C 493 14.16 -11.18 8.93
C GLN C 493 14.84 -12.11 9.94
N ARG C 494 14.98 -13.38 9.57
CA ARG C 494 15.68 -14.36 10.41
C ARG C 494 17.14 -13.97 10.62
N ASN C 495 17.77 -13.46 9.57
CA ASN C 495 19.15 -12.95 9.61
C ASN C 495 19.28 -11.74 10.53
N GLY C 496 18.24 -10.91 10.56
CA GLY C 496 18.19 -9.74 11.42
C GLY C 496 18.19 -10.08 12.89
N GLU C 497 17.50 -11.17 13.25
CA GLU C 497 17.42 -11.58 14.65
C GLU C 497 18.74 -12.17 15.16
N ILE C 498 19.50 -12.79 14.25
CA ILE C 498 20.85 -13.25 14.58
C ILE C 498 21.74 -12.04 14.90
N ILE C 499 21.68 -11.04 14.03
CA ILE C 499 22.45 -9.80 14.18
C ILE C 499 22.07 -9.04 15.46
N LYS C 500 20.77 -8.89 15.72
CA LYS C 500 20.29 -8.25 16.94
C LYS C 500 20.75 -8.97 18.21
N GLU C 501 20.86 -10.30 18.13
CA GLU C 501 21.34 -11.11 19.24
C GLU C 501 22.84 -10.89 19.48
N ALA C 502 23.56 -10.57 18.41
CA ALA C 502 24.98 -10.25 18.49
C ALA C 502 25.24 -8.84 19.01
N LEU C 503 24.25 -7.96 18.89
CA LEU C 503 24.35 -6.59 19.40
C LEU C 503 24.29 -6.51 20.93
N HIS C 504 23.79 -7.57 21.57
CA HIS C 504 23.71 -7.66 23.02
C HIS C 504 25.08 -7.67 23.70
N ASN C 505 26.02 -8.42 23.12
CA ASN C 505 27.38 -8.56 23.67
C ASN C 505 28.44 -8.36 22.57
N PRO C 506 28.61 -7.09 22.09
CA PRO C 506 29.46 -6.84 20.94
C PRO C 506 30.92 -6.52 21.26
N ASN C 507 31.81 -6.95 20.37
CA ASN C 507 33.24 -6.60 20.41
C ASN C 507 33.47 -5.14 20.00
N LEU C 508 34.69 -4.64 20.20
CA LEU C 508 35.03 -3.27 19.79
C LEU C 508 36.38 -3.25 19.04
N SER C 509 36.44 -3.99 17.93
CA SER C 509 37.60 -3.99 17.05
C SER C 509 37.26 -3.26 15.76
N VAL C 510 38.19 -2.43 15.28
CA VAL C 510 37.99 -1.66 14.06
C VAL C 510 37.98 -2.54 12.80
N ASP C 511 36.78 -3.01 12.44
CA ASP C 511 36.57 -3.82 11.23
C ASP C 511 35.39 -3.33 10.39
N GLU C 512 35.17 -3.98 9.25
CA GLU C 512 34.13 -3.60 8.29
C GLU C 512 32.98 -4.61 8.26
N PRO C 513 31.81 -4.20 7.73
CA PRO C 513 30.67 -5.12 7.60
C PRO C 513 30.91 -6.23 6.59
N LEU C 514 30.43 -7.44 6.89
CA LEU C 514 30.58 -8.60 6.02
C LEU C 514 29.71 -8.48 4.77
N ASP C 515 30.32 -8.74 3.61
CA ASP C 515 29.61 -8.73 2.33
C ASP C 515 28.88 -10.06 2.13
N VAL C 516 27.55 -10.04 2.28
CA VAL C 516 26.71 -11.23 2.15
C VAL C 516 25.37 -10.93 1.47
N ASP C 517 24.73 -11.97 0.95
CA ASP C 517 23.37 -11.86 0.43
C ASP C 517 22.40 -12.16 1.55
N TYR C 518 21.66 -11.13 1.97
CA TYR C 518 20.75 -11.22 3.12
C TYR C 518 19.48 -11.99 2.81
N ARG C 519 19.22 -12.23 1.52
CA ARG C 519 18.04 -12.96 1.07
C ARG C 519 18.05 -14.44 1.46
N PHE C 520 19.18 -14.91 2.00
CA PHE C 520 19.37 -16.31 2.36
C PHE C 520 19.93 -16.48 3.77
N ASP C 521 19.49 -17.53 4.46
CA ASP C 521 19.96 -17.86 5.82
C ASP C 521 21.47 -17.87 5.92
N PHE C 522 21.99 -17.37 7.03
CA PHE C 522 23.44 -17.39 7.27
C PHE C 522 23.95 -18.81 7.54
N SER C 523 25.08 -19.14 6.94
CA SER C 523 25.74 -20.41 7.21
C SER C 523 26.40 -20.38 8.60
N ASP C 524 26.84 -21.54 9.07
CA ASP C 524 27.51 -21.65 10.37
C ASP C 524 28.78 -20.79 10.42
N GLU C 525 29.50 -20.71 9.30
CA GLU C 525 30.74 -19.91 9.22
C GLU C 525 30.49 -18.43 9.45
N ILE C 526 29.53 -17.85 8.72
CA ILE C 526 29.22 -16.42 8.83
C ILE C 526 28.71 -16.05 10.23
N LYS C 527 27.93 -16.95 10.84
CA LYS C 527 27.46 -16.80 12.22
C LYS C 527 28.58 -16.48 13.22
N GLU C 528 29.70 -17.20 13.09
CA GLU C 528 30.80 -17.07 14.03
C GLU C 528 31.59 -15.77 13.88
N LYS C 529 31.70 -15.28 12.64
CA LYS C 529 32.33 -13.99 12.37
C LYS C 529 31.48 -12.83 12.87
N ILE C 530 30.17 -13.03 12.86
CA ILE C 530 29.20 -12.07 13.42
C ILE C 530 29.33 -11.97 14.95
N LYS C 531 29.46 -13.11 15.63
CA LYS C 531 29.58 -13.18 17.09
C LYS C 531 30.84 -12.49 17.63
N LYS C 532 31.81 -12.24 16.74
CA LYS C 532 33.03 -11.54 17.09
C LYS C 532 33.21 -10.32 16.18
N LEU C 533 32.20 -9.46 16.16
CA LEU C 533 32.20 -8.28 15.28
C LEU C 533 31.82 -7.00 16.04
N SER C 534 32.27 -5.85 15.52
CA SER C 534 32.03 -4.55 16.13
C SER C 534 30.61 -4.06 15.94
N ALA C 535 30.16 -3.22 16.87
CA ALA C 535 28.82 -2.64 16.83
C ALA C 535 28.60 -1.77 15.59
N LYS C 536 29.62 -1.00 15.22
CA LYS C 536 29.58 -0.17 14.01
C LYS C 536 29.20 -1.00 12.78
N SER C 537 29.95 -2.07 12.53
CA SER C 537 29.75 -2.93 11.37
C SER C 537 28.54 -3.84 11.51
N LEU C 538 28.10 -4.06 12.74
CA LEU C 538 26.86 -4.81 13.00
C LEU C 538 25.63 -3.97 12.70
N ASN C 539 25.64 -2.71 13.13
CA ASN C 539 24.56 -1.77 12.86
C ASN C 539 24.33 -1.52 11.36
N GLU C 540 25.43 -1.54 10.59
CA GLU C 540 25.36 -1.39 9.14
C GLU C 540 24.78 -2.67 8.49
N MET C 541 25.20 -3.82 8.99
CA MET C 541 24.67 -5.11 8.54
C MET C 541 23.17 -5.19 8.78
N LEU C 542 22.74 -4.77 9.97
CA LEU C 542 21.33 -4.77 10.37
C LEU C 542 20.50 -3.86 9.46
N PHE C 543 20.98 -2.63 9.25
CA PHE C 543 20.34 -1.67 8.35
C PHE C 543 20.17 -2.26 6.94
N ARG C 544 21.18 -2.99 6.49
CA ARG C 544 21.16 -3.61 5.16
C ARG C 544 20.24 -4.82 5.10
N ALA C 545 20.17 -5.57 6.20
CA ALA C 545 19.24 -6.71 6.31
C ALA C 545 17.79 -6.24 6.31
N GLN C 546 17.53 -5.12 6.99
CA GLN C 546 16.19 -4.54 7.05
C GLN C 546 15.80 -3.92 5.72
N ARG C 547 16.78 -3.42 4.97
CA ARG C 547 16.55 -2.87 3.64
C ARG C 547 16.19 -3.97 2.63
N THR C 548 16.74 -5.17 2.83
CA THR C 548 16.40 -6.34 2.03
C THR C 548 14.99 -6.85 2.36
N GLU C 549 14.66 -6.89 3.66
CA GLU C 549 13.32 -7.26 4.12
C GLU C 549 12.24 -6.38 3.47
N VAL C 550 12.42 -5.06 3.55
CA VAL C 550 11.50 -4.08 2.96
C VAL C 550 11.36 -4.27 1.45
N ALA C 551 12.49 -4.47 0.77
CA ALA C 551 12.49 -4.77 -0.67
C ALA C 551 11.70 -6.05 -0.99
N GLY C 552 11.78 -7.04 -0.09
CA GLY C 552 11.04 -8.29 -0.23
C GLY C 552 9.57 -8.14 0.15
N MET C 553 9.31 -7.41 1.23
CA MET C 553 7.97 -7.08 1.68
C MET C 553 7.17 -6.48 0.54
N THR C 554 7.69 -5.36 0.02
CA THR C 554 7.10 -4.61 -1.08
C THR C 554 6.84 -5.50 -2.30
N ALA C 555 7.86 -6.28 -2.68
CA ALA C 555 7.76 -7.20 -3.81
C ALA C 555 6.58 -8.16 -3.67
N GLN C 556 6.50 -8.86 -2.53
CA GLN C 556 5.46 -9.89 -2.36
C GLN C 556 4.06 -9.35 -2.06
N MET C 557 3.98 -8.22 -1.36
CA MET C 557 2.70 -7.57 -1.10
C MET C 557 1.99 -7.16 -2.37
N ALA C 558 2.73 -6.56 -3.30
CA ALA C 558 2.20 -6.18 -4.60
C ALA C 558 1.73 -7.42 -5.38
N LEU C 559 2.53 -8.48 -5.33
CA LEU C 559 2.15 -9.76 -5.93
C LEU C 559 0.92 -10.36 -5.25
N LYS C 560 0.77 -10.13 -3.95
CA LYS C 560 -0.44 -10.57 -3.25
C LYS C 560 -1.66 -9.76 -3.68
N VAL C 561 -1.54 -8.44 -3.67
CA VAL C 561 -2.67 -7.56 -3.96
C VAL C 561 -3.15 -7.71 -5.42
N THR C 562 -2.22 -7.84 -6.36
CA THR C 562 -2.55 -8.04 -7.77
C THR C 562 -3.25 -9.39 -7.98
N CYS C 563 -2.82 -10.42 -7.25
CA CYS C 563 -3.46 -11.73 -7.32
C CYS C 563 -4.90 -11.68 -6.81
N ASN C 564 -5.10 -11.13 -5.61
CA ASN C 564 -6.42 -10.97 -5.02
C ASN C 564 -7.29 -9.98 -5.80
N SER C 565 -6.64 -9.09 -6.55
CA SER C 565 -7.33 -8.15 -7.42
C SER C 565 -8.01 -8.84 -8.59
N LEU C 566 -7.45 -9.97 -9.03
CA LEU C 566 -8.09 -10.78 -10.07
C LEU C 566 -9.41 -11.30 -9.54
N TYR C 567 -9.42 -11.74 -8.28
CA TYR C 567 -10.64 -12.18 -7.67
C TYR C 567 -11.60 -10.99 -7.55
N GLY C 568 -11.07 -9.85 -7.09
CA GLY C 568 -11.88 -8.67 -6.91
C GLY C 568 -12.55 -8.22 -8.20
N ALA C 569 -11.77 -8.17 -9.28
CA ALA C 569 -12.28 -7.83 -10.59
C ALA C 569 -13.44 -8.72 -11.03
N LEU C 570 -13.42 -9.99 -10.62
CA LEU C 570 -14.54 -10.91 -10.90
C LEU C 570 -15.86 -10.41 -10.32
N GLY C 571 -15.78 -9.52 -9.33
CA GLY C 571 -16.94 -8.87 -8.75
C GLY C 571 -17.05 -7.41 -9.13
N ASN C 572 -16.32 -7.01 -10.18
CA ASN C 572 -16.42 -5.65 -10.71
C ASN C 572 -17.13 -5.58 -12.06
N VAL C 573 -18.16 -4.75 -12.13
CA VAL C 573 -19.06 -4.71 -13.29
C VAL C 573 -18.43 -4.26 -14.62
N TRP C 574 -17.22 -3.70 -14.54
CA TRP C 574 -16.52 -3.19 -15.71
C TRP C 574 -15.48 -4.18 -16.22
N PHE C 575 -15.25 -5.24 -15.45
CA PHE C 575 -14.27 -6.26 -15.81
C PHE C 575 -14.86 -7.13 -16.90
N ARG C 576 -14.06 -7.39 -17.93
CA ARG C 576 -14.50 -8.18 -19.08
C ARG C 576 -15.05 -9.54 -18.67
N TYR C 577 -14.52 -10.09 -17.58
CA TYR C 577 -14.91 -11.42 -17.13
C TYR C 577 -15.67 -11.39 -15.82
N TYR C 578 -16.39 -10.30 -15.59
CA TYR C 578 -17.33 -10.17 -14.49
C TYR C 578 -18.26 -11.37 -14.48
N ASP C 579 -18.44 -11.95 -13.29
CA ASP C 579 -19.36 -13.07 -13.08
C ASP C 579 -19.48 -13.35 -11.59
N LEU C 580 -20.65 -13.02 -11.03
CA LEU C 580 -20.86 -13.18 -9.60
C LEU C 580 -20.88 -14.63 -9.16
N ARG C 581 -21.28 -15.52 -10.07
CA ARG C 581 -21.26 -16.96 -9.81
C ARG C 581 -19.85 -17.42 -9.51
N ASN C 582 -18.87 -16.86 -10.23
CA ASN C 582 -17.46 -17.14 -10.00
C ASN C 582 -16.96 -16.49 -8.72
N ALA C 583 -17.20 -15.19 -8.58
CA ALA C 583 -16.76 -14.45 -7.39
C ALA C 583 -17.29 -15.10 -6.11
N THR C 584 -18.59 -15.44 -6.11
CA THR C 584 -19.21 -16.08 -4.97
C THR C 584 -18.68 -17.49 -4.75
N ALA C 585 -18.41 -18.20 -5.85
CA ALA C 585 -17.87 -19.56 -5.77
C ALA C 585 -16.55 -19.56 -5.04
N ILE C 586 -15.76 -18.50 -5.21
CA ILE C 586 -14.50 -18.35 -4.51
C ILE C 586 -14.73 -18.13 -3.02
N THR C 587 -15.57 -17.15 -2.68
CA THR C 587 -15.76 -16.73 -1.28
C THR C 587 -16.48 -17.76 -0.43
N THR C 588 -17.44 -18.47 -1.02
CA THR C 588 -18.18 -19.48 -0.29
C THR C 588 -17.30 -20.69 0.03
N PHE C 589 -16.41 -21.03 -0.91
CA PHE C 589 -15.42 -22.07 -0.69
C PHE C 589 -14.50 -21.72 0.47
N GLY C 590 -14.16 -20.43 0.58
CA GLY C 590 -13.33 -19.95 1.67
C GLY C 590 -14.03 -20.10 3.02
N GLN C 591 -15.29 -19.70 3.07
CA GLN C 591 -16.09 -19.81 4.29
C GLN C 591 -16.10 -21.25 4.80
N MET C 592 -16.36 -22.18 3.89
CA MET C 592 -16.37 -23.60 4.19
C MET C 592 -14.98 -24.08 4.58
N ALA C 593 -13.96 -23.66 3.83
CA ALA C 593 -12.57 -24.06 4.06
C ALA C 593 -12.09 -23.75 5.48
N LEU C 594 -12.46 -22.58 6.00
CA LEU C 594 -12.10 -22.20 7.37
C LEU C 594 -12.87 -23.04 8.41
N GLN C 595 -14.20 -23.02 8.34
CA GLN C 595 -15.02 -23.69 9.34
C GLN C 595 -14.81 -25.19 9.33
N TRP C 596 -14.57 -25.75 8.15
CA TRP C 596 -14.19 -27.15 7.98
C TRP C 596 -12.97 -27.49 8.83
N ILE C 597 -11.88 -26.76 8.64
CA ILE C 597 -10.63 -27.05 9.33
C ILE C 597 -10.70 -26.68 10.82
N GLU C 598 -11.62 -25.79 11.17
CA GLU C 598 -11.86 -25.43 12.57
C GLU C 598 -12.37 -26.67 13.30
N ARG C 599 -13.39 -27.29 12.73
CA ARG C 599 -13.93 -28.55 13.25
C ARG C 599 -12.83 -29.61 13.37
N LYS C 600 -12.02 -29.75 12.33
CA LYS C 600 -10.96 -30.76 12.26
C LYS C 600 -9.87 -30.55 13.30
N VAL C 601 -9.42 -29.31 13.44
CA VAL C 601 -8.44 -28.93 14.47
C VAL C 601 -9.01 -29.16 15.89
N ASN C 602 -10.29 -28.85 16.06
CA ASN C 602 -10.99 -29.12 17.32
C ASN C 602 -11.09 -30.61 17.64
N GLU C 603 -11.32 -31.43 16.62
CA GLU C 603 -11.43 -32.88 16.81
C GLU C 603 -10.08 -33.49 17.15
N TYR C 604 -9.06 -33.12 16.39
CA TYR C 604 -7.73 -33.66 16.57
C TYR C 604 -7.16 -33.34 17.96
N LEU C 605 -7.25 -32.08 18.37
CA LEU C 605 -6.69 -31.64 19.64
C LEU C 605 -7.42 -32.22 20.86
N ASN C 606 -8.73 -32.45 20.71
CA ASN C 606 -9.51 -33.15 21.74
C ASN C 606 -8.99 -34.57 21.99
N GLU C 607 -8.85 -35.36 20.93
CA GLU C 607 -8.35 -36.73 21.04
C GLU C 607 -6.94 -36.76 21.61
N VAL C 608 -6.09 -35.86 21.13
CA VAL C 608 -4.69 -35.78 21.50
C VAL C 608 -4.47 -35.42 22.98
N CYS C 609 -5.33 -34.57 23.53
CA CYS C 609 -5.21 -34.13 24.93
C CYS C 609 -5.97 -35.05 25.91
N GLY C 610 -6.81 -35.92 25.37
CA GLY C 610 -7.58 -36.86 26.17
C GLY C 610 -8.92 -36.32 26.67
N THR C 611 -9.39 -35.25 26.02
CA THR C 611 -10.67 -34.63 26.39
C THR C 611 -11.65 -34.68 25.21
N GLU C 612 -12.88 -34.24 25.44
CA GLU C 612 -13.89 -34.20 24.38
C GLU C 612 -14.81 -32.99 24.49
N GLY C 613 -15.13 -32.39 23.34
CA GLY C 613 -16.07 -31.27 23.27
C GLY C 613 -15.52 -29.93 23.71
N GLU C 614 -14.20 -29.78 23.64
CA GLU C 614 -13.55 -28.53 24.01
C GLU C 614 -13.19 -27.73 22.78
N ALA C 615 -13.50 -26.43 22.82
CA ALA C 615 -13.20 -25.52 21.73
C ALA C 615 -11.76 -25.02 21.85
N PHE C 616 -10.91 -25.38 20.89
CA PHE C 616 -9.52 -24.94 20.84
C PHE C 616 -9.35 -23.71 19.94
N VAL C 617 -10.12 -23.67 18.85
CA VAL C 617 -10.12 -22.55 17.94
C VAL C 617 -10.99 -21.44 18.53
N LEU C 618 -10.34 -20.36 18.93
CA LEU C 618 -11.00 -19.27 19.61
C LEU C 618 -11.47 -18.20 18.61
N TYR C 619 -10.77 -18.10 17.48
CA TYR C 619 -11.01 -17.05 16.49
C TYR C 619 -10.53 -17.45 15.10
N GLY C 620 -11.11 -16.82 14.08
CA GLY C 620 -10.64 -16.91 12.70
C GLY C 620 -11.19 -15.80 11.81
N ASP C 621 -10.38 -15.34 10.87
CA ASP C 621 -10.81 -14.32 9.92
C ASP C 621 -10.38 -14.66 8.51
N THR C 622 -11.36 -14.98 7.66
CA THR C 622 -11.15 -15.34 6.25
C THR C 622 -10.46 -16.70 6.05
N ASP C 623 -9.24 -16.85 6.56
CA ASP C 623 -8.47 -18.06 6.33
C ASP C 623 -7.48 -18.35 7.46
N SER C 624 -7.81 -17.90 8.67
CA SER C 624 -6.94 -18.13 9.81
C SER C 624 -7.64 -18.90 10.92
N ILE C 625 -6.85 -19.61 11.72
CA ILE C 625 -7.34 -20.16 12.98
C ILE C 625 -6.39 -19.80 14.13
N TYR C 626 -6.95 -19.24 15.18
CA TYR C 626 -6.18 -18.97 16.39
C TYR C 626 -6.51 -20.05 17.40
N VAL C 627 -5.50 -20.84 17.74
CA VAL C 627 -5.66 -21.97 18.62
C VAL C 627 -5.19 -21.66 20.04
N SER C 628 -6.09 -21.85 21.00
CA SER C 628 -5.75 -21.77 22.41
C SER C 628 -4.88 -22.97 22.79
N ALA C 629 -3.68 -22.67 23.29
CA ALA C 629 -2.67 -23.70 23.54
C ALA C 629 -2.56 -24.07 25.02
N ASP C 630 -3.37 -23.42 25.86
CA ASP C 630 -3.35 -23.65 27.31
C ASP C 630 -3.34 -25.14 27.69
N LYS C 631 -4.28 -25.92 27.12
CA LYS C 631 -4.36 -27.36 27.42
C LYS C 631 -3.14 -28.15 26.94
N ILE C 632 -2.52 -27.69 25.87
CA ILE C 632 -1.31 -28.32 25.33
C ILE C 632 -0.13 -28.09 26.27
N ILE C 633 -0.01 -26.90 26.83
CA ILE C 633 1.01 -26.61 27.83
C ILE C 633 0.71 -27.29 29.18
N ASP C 634 -0.55 -27.25 29.59
CA ASP C 634 -0.99 -27.76 30.90
C ASP C 634 -0.83 -29.28 31.05
N LYS C 635 -1.03 -30.01 29.94
CA LYS C 635 -0.87 -31.47 29.92
C LYS C 635 0.57 -31.88 30.19
N VAL C 636 1.52 -31.11 29.65
CA VAL C 636 2.93 -31.30 29.95
C VAL C 636 3.23 -30.74 31.35
N GLY C 637 2.60 -29.60 31.66
CA GLY C 637 2.86 -28.85 32.89
C GLY C 637 4.05 -27.94 32.69
N GLU C 638 3.80 -26.63 32.62
CA GLU C 638 4.87 -25.65 32.37
C GLU C 638 6.01 -25.72 33.40
N SER C 639 5.73 -26.35 34.53
CA SER C 639 6.74 -26.65 35.54
C SER C 639 7.86 -27.55 34.99
N LYS C 640 7.78 -27.91 33.71
CA LYS C 640 8.80 -28.73 33.05
C LYS C 640 9.61 -27.96 32.00
N PHE C 641 9.35 -26.66 31.88
CA PHE C 641 10.12 -25.79 31.01
C PHE C 641 11.10 -24.95 31.82
N ARG C 642 12.35 -24.91 31.35
CA ARG C 642 13.43 -24.18 32.05
C ARG C 642 13.37 -22.68 31.79
N ASP C 643 13.01 -22.29 30.57
CA ASP C 643 12.89 -20.89 30.17
C ASP C 643 11.79 -20.70 29.12
N THR C 644 11.55 -19.44 28.74
CA THR C 644 10.53 -19.12 27.74
C THR C 644 10.78 -19.82 26.40
N ASN C 645 11.98 -19.65 25.86
CA ASN C 645 12.35 -20.25 24.57
C ASN C 645 12.11 -21.76 24.51
N HIS C 646 12.21 -22.42 25.67
CA HIS C 646 11.95 -23.85 25.79
C HIS C 646 10.52 -24.22 25.38
N TRP C 647 9.52 -23.48 25.89
CA TRP C 647 8.13 -23.80 25.55
C TRP C 647 7.73 -23.33 24.15
N VAL C 648 8.45 -22.34 23.62
CA VAL C 648 8.30 -21.92 22.23
C VAL C 648 8.76 -23.03 21.28
N ASP C 649 9.90 -23.64 21.60
CA ASP C 649 10.40 -24.79 20.86
C ASP C 649 9.43 -25.97 20.87
N PHE C 650 8.71 -26.14 21.97
CA PHE C 650 7.76 -27.24 22.11
C PHE C 650 6.56 -27.06 21.19
N LEU C 651 5.99 -25.87 21.17
CA LEU C 651 4.81 -25.61 20.36
C LEU C 651 5.11 -25.64 18.86
N ASP C 652 6.29 -25.16 18.50
CA ASP C 652 6.73 -25.11 17.11
C ASP C 652 6.84 -26.52 16.53
N LYS C 653 7.41 -27.44 17.30
CA LYS C 653 7.53 -28.83 16.91
C LYS C 653 6.15 -29.49 16.86
N PHE C 654 5.35 -29.26 17.90
CA PHE C 654 3.98 -29.76 17.95
C PHE C 654 3.17 -29.37 16.71
N ALA C 655 3.35 -28.11 16.28
CA ALA C 655 2.71 -27.62 15.06
C ALA C 655 3.19 -28.33 13.81
N ARG C 656 4.50 -28.29 13.58
CA ARG C 656 5.14 -28.87 12.40
C ARG C 656 5.02 -30.40 12.30
N GLU C 657 5.15 -31.09 13.44
CA GLU C 657 5.17 -32.56 13.45
C GLU C 657 3.81 -33.22 13.67
N ARG C 658 2.89 -32.50 14.30
CA ARG C 658 1.62 -33.07 14.72
C ARG C 658 0.37 -32.41 14.12
N MET C 659 0.29 -31.09 14.21
CA MET C 659 -0.92 -30.36 13.80
C MET C 659 -1.04 -30.16 12.29
N GLU C 660 0.09 -29.88 11.65
CA GLU C 660 0.12 -29.64 10.21
C GLU C 660 -0.25 -30.84 9.35
N PRO C 661 0.32 -32.05 9.63
CA PRO C 661 -0.14 -33.23 8.88
C PRO C 661 -1.62 -33.53 9.12
N ALA C 662 -2.09 -33.30 10.35
CA ALA C 662 -3.50 -33.47 10.71
C ALA C 662 -4.38 -32.47 9.97
N ILE C 663 -3.86 -31.26 9.78
CA ILE C 663 -4.51 -30.22 8.96
C ILE C 663 -4.47 -30.61 7.48
N ASP C 664 -3.30 -31.08 7.02
CA ASP C 664 -3.11 -31.50 5.63
C ASP C 664 -4.06 -32.64 5.21
N ARG C 665 -4.27 -33.64 6.07
CA ARG C 665 -5.23 -34.70 5.76
C ARG C 665 -6.68 -34.22 5.87
N GLY C 666 -6.91 -33.17 6.66
CA GLY C 666 -8.22 -32.55 6.78
C GLY C 666 -8.65 -31.91 5.48
N PHE C 667 -7.80 -31.03 4.95
CA PHE C 667 -8.04 -30.33 3.67
C PHE C 667 -8.08 -31.30 2.50
N ARG C 668 -7.24 -32.33 2.56
CA ARG C 668 -7.18 -33.38 1.54
C ARG C 668 -8.54 -34.07 1.41
N GLU C 669 -9.16 -34.34 2.55
CA GLU C 669 -10.52 -34.90 2.60
C GLU C 669 -11.54 -33.93 2.02
N MET C 670 -11.37 -32.64 2.28
CA MET C 670 -12.26 -31.61 1.73
C MET C 670 -12.10 -31.47 0.22
N CYS C 671 -10.87 -31.59 -0.27
CA CYS C 671 -10.58 -31.61 -1.70
C CYS C 671 -11.29 -32.77 -2.40
N GLU C 672 -11.35 -33.91 -1.72
CA GLU C 672 -12.07 -35.07 -2.21
C GLU C 672 -13.59 -34.82 -2.23
N TYR C 673 -14.11 -34.32 -1.11
CA TYR C 673 -15.54 -34.09 -0.92
C TYR C 673 -16.11 -33.16 -1.99
N MET C 674 -15.31 -32.17 -2.40
CA MET C 674 -15.71 -31.24 -3.45
C MET C 674 -15.33 -31.71 -4.86
N ASN C 675 -14.49 -32.74 -4.91
CA ASN C 675 -14.03 -33.33 -6.17
C ASN C 675 -13.23 -32.31 -7.01
N ASN C 676 -12.21 -31.75 -6.40
CA ASN C 676 -11.41 -30.69 -7.03
C ASN C 676 -10.26 -31.20 -7.90
N LYS C 677 -9.81 -30.32 -8.80
CA LYS C 677 -8.72 -30.61 -9.73
C LYS C 677 -7.42 -30.99 -9.00
N GLN C 678 -7.07 -30.21 -7.98
CA GLN C 678 -5.85 -30.44 -7.18
C GLN C 678 -5.91 -29.85 -5.78
N HIS C 679 -5.29 -30.56 -4.84
CA HIS C 679 -5.16 -30.11 -3.44
C HIS C 679 -4.15 -28.96 -3.33
N LEU C 680 -4.64 -27.80 -2.89
CA LEU C 680 -3.79 -26.61 -2.75
C LEU C 680 -4.02 -25.81 -1.47
N MET C 681 -4.79 -26.38 -0.54
CA MET C 681 -5.04 -25.76 0.76
C MET C 681 -3.91 -26.03 1.75
N PHE C 682 -2.93 -25.14 1.76
CA PHE C 682 -1.76 -25.25 2.64
C PHE C 682 -1.79 -24.17 3.72
N MET C 683 -1.64 -24.59 4.97
CA MET C 683 -1.74 -23.69 6.11
C MET C 683 -0.39 -23.57 6.82
N ASP C 684 0.23 -22.40 6.72
CA ASP C 684 1.48 -22.09 7.42
C ASP C 684 1.19 -21.73 8.87
N ARG C 685 2.05 -22.19 9.79
CA ARG C 685 1.99 -21.68 11.16
C ARG C 685 2.51 -20.24 11.17
N GLU C 686 1.80 -19.37 11.90
CA GLU C 686 2.15 -17.95 12.01
C GLU C 686 2.77 -17.65 13.36
N ALA C 687 1.93 -17.26 14.32
CA ALA C 687 2.39 -16.80 15.62
C ALA C 687 2.44 -17.90 16.69
N ILE C 688 3.46 -17.82 17.55
CA ILE C 688 3.48 -18.54 18.82
C ILE C 688 3.54 -17.49 19.93
N ALA C 689 2.46 -17.38 20.68
CA ALA C 689 2.30 -16.29 21.64
C ALA C 689 2.02 -16.79 23.05
N GLY C 690 2.38 -15.94 24.02
CA GLY C 690 2.27 -16.28 25.43
C GLY C 690 3.11 -15.35 26.28
N PRO C 691 2.86 -15.37 27.61
CA PRO C 691 3.63 -14.54 28.54
C PRO C 691 5.05 -15.07 28.73
N PRO C 692 5.99 -14.21 29.18
CA PRO C 692 7.29 -14.75 29.58
C PRO C 692 7.12 -15.70 30.76
N LEU C 693 7.83 -16.83 30.75
CA LEU C 693 7.69 -17.87 31.78
C LEU C 693 7.91 -17.29 33.17
N GLY C 694 7.06 -17.68 34.11
CA GLY C 694 7.20 -17.26 35.51
C GLY C 694 6.91 -15.79 35.77
N SER C 695 6.25 -15.14 34.82
CA SER C 695 5.86 -13.75 35.00
C SER C 695 4.34 -13.64 35.11
N LYS C 696 3.88 -12.49 35.60
CA LYS C 696 2.50 -12.10 35.41
C LYS C 696 2.42 -11.57 33.99
N GLY C 697 1.23 -11.52 33.43
CA GLY C 697 1.12 -11.22 32.02
C GLY C 697 0.16 -12.19 31.40
N ILE C 698 -0.79 -11.65 30.65
CA ILE C 698 -1.90 -12.41 30.14
C ILE C 698 -1.64 -12.99 28.76
N GLY C 699 -0.49 -12.65 28.19
CA GLY C 699 -0.07 -13.19 26.89
C GLY C 699 -0.79 -12.59 25.69
N GLY C 700 -2.12 -12.51 25.78
CA GLY C 700 -2.94 -11.94 24.72
C GLY C 700 -4.40 -11.73 25.14
N PHE C 701 -5.13 -10.93 24.36
CA PHE C 701 -6.56 -10.73 24.56
C PHE C 701 -7.28 -10.43 23.24
N TRP C 702 -8.60 -10.57 23.26
CA TRP C 702 -9.49 -10.29 22.13
C TRP C 702 -10.64 -9.41 22.64
N THR C 703 -10.98 -8.35 21.93
CA THR C 703 -12.13 -7.51 22.33
C THR C 703 -13.36 -7.83 21.49
N GLY C 704 -13.11 -8.32 20.28
CA GLY C 704 -14.17 -8.64 19.32
C GLY C 704 -13.56 -9.00 17.99
N LYS C 705 -14.40 -9.08 16.96
CA LYS C 705 -13.94 -9.34 15.61
C LYS C 705 -12.94 -8.28 15.19
N LYS C 706 -11.85 -8.72 14.57
CA LYS C 706 -10.82 -7.86 13.99
C LYS C 706 -10.08 -6.99 15.01
N ARG C 707 -10.16 -7.35 16.30
CA ARG C 707 -9.53 -6.56 17.36
C ARG C 707 -8.87 -7.45 18.41
N TYR C 708 -7.55 -7.61 18.33
CA TYR C 708 -6.81 -8.44 19.29
C TYR C 708 -5.33 -8.08 19.40
N ALA C 709 -4.70 -8.56 20.46
CA ALA C 709 -3.28 -8.33 20.73
C ALA C 709 -2.61 -9.57 21.31
N LEU C 710 -1.40 -9.87 20.82
CA LEU C 710 -0.67 -11.07 21.21
C LEU C 710 0.78 -10.77 21.49
N ASN C 711 1.39 -11.55 22.39
CA ASN C 711 2.80 -11.42 22.70
C ASN C 711 3.61 -12.48 21.95
N VAL C 712 4.04 -12.14 20.74
CA VAL C 712 4.67 -13.12 19.85
C VAL C 712 6.16 -13.33 20.13
N TRP C 713 6.58 -14.60 20.12
CA TRP C 713 7.98 -15.00 20.28
C TRP C 713 8.54 -15.53 18.97
N ASP C 714 7.66 -16.11 18.15
CA ASP C 714 8.03 -16.68 16.86
C ASP C 714 6.92 -16.42 15.85
N MET C 715 7.28 -15.77 14.74
CA MET C 715 6.31 -15.48 13.69
C MET C 715 6.74 -16.11 12.38
N GLU C 716 6.07 -17.21 12.01
CA GLU C 716 6.24 -17.84 10.71
C GLU C 716 7.69 -18.26 10.42
N GLY C 717 8.39 -18.73 11.45
CA GLY C 717 9.77 -19.15 11.30
C GLY C 717 10.80 -18.22 11.91
N THR C 718 10.42 -16.96 12.15
CA THR C 718 11.36 -15.99 12.73
C THR C 718 11.26 -15.96 14.26
N ARG C 719 12.38 -16.29 14.91
CA ARG C 719 12.49 -16.37 16.35
C ARG C 719 13.18 -15.10 16.85
N TYR C 720 12.37 -14.16 17.34
CA TYR C 720 12.85 -12.83 17.73
C TYR C 720 13.84 -12.86 18.89
N ALA C 721 14.73 -11.86 18.91
CA ALA C 721 15.65 -11.67 20.03
C ALA C 721 14.88 -11.23 21.27
N GLU C 722 13.96 -10.28 21.08
CA GLU C 722 13.03 -9.88 22.13
C GLU C 722 11.59 -10.06 21.62
N PRO C 723 10.65 -10.44 22.51
CA PRO C 723 9.28 -10.67 22.08
C PRO C 723 8.67 -9.44 21.40
N LYS C 724 7.83 -9.67 20.40
CA LYS C 724 7.21 -8.59 19.65
C LYS C 724 5.70 -8.67 19.77
N LEU C 725 5.07 -7.50 19.89
CA LEU C 725 3.62 -7.42 20.03
C LEU C 725 2.93 -7.52 18.69
N LYS C 726 1.96 -8.42 18.58
CA LYS C 726 1.07 -8.44 17.42
C LYS C 726 -0.28 -7.82 17.78
N ILE C 727 -0.52 -6.60 17.32
CA ILE C 727 -1.78 -5.91 17.61
C ILE C 727 -2.57 -5.67 16.34
N MET C 728 -3.79 -6.19 16.28
CA MET C 728 -4.61 -6.04 15.09
C MET C 728 -5.89 -5.28 15.41
N GLY C 729 -6.18 -4.25 14.61
CA GLY C 729 -7.44 -3.52 14.73
C GLY C 729 -7.54 -2.49 15.84
N LEU C 730 -6.85 -2.73 16.95
CA LEU C 730 -6.92 -1.81 18.09
C LEU C 730 -6.42 -0.42 17.73
N GLU C 731 -6.77 0.56 18.55
CA GLU C 731 -6.50 1.97 18.28
C GLU C 731 -5.02 2.27 18.01
N THR C 732 -4.12 1.45 18.58
CA THR C 732 -2.68 1.57 18.38
C THR C 732 -2.29 1.43 16.91
N GLN C 733 -3.22 0.91 16.12
CA GLN C 733 -2.95 0.53 14.74
C GLN C 733 -3.68 1.41 13.74
N LYS C 734 -4.36 2.45 14.25
CA LYS C 734 -5.12 3.37 13.42
C LYS C 734 -4.42 4.73 13.28
N SER C 735 -4.39 5.24 12.06
CA SER C 735 -3.71 6.50 11.75
C SER C 735 -4.45 7.69 12.33
N SER C 736 -5.69 7.46 12.77
CA SER C 736 -6.50 8.50 13.38
C SER C 736 -6.18 8.72 14.88
N THR C 737 -5.50 7.75 15.49
CA THR C 737 -5.12 7.86 16.90
C THR C 737 -3.89 8.76 17.04
N PRO C 738 -3.90 9.69 18.02
CA PRO C 738 -2.74 10.57 18.23
C PRO C 738 -1.46 9.79 18.43
N LYS C 739 -0.37 10.33 17.88
CA LYS C 739 0.94 9.70 17.90
C LYS C 739 1.37 9.27 19.29
N ALA C 740 1.19 10.16 20.27
CA ALA C 740 1.58 9.88 21.65
C ALA C 740 0.68 8.82 22.30
N VAL C 741 -0.59 8.81 21.92
CA VAL C 741 -1.56 7.88 22.47
C VAL C 741 -1.32 6.47 21.95
N GLN C 742 -0.98 6.34 20.67
CA GLN C 742 -0.59 5.06 20.10
C GLN C 742 0.55 4.48 20.91
N LYS C 743 1.55 5.32 21.16
CA LYS C 743 2.74 4.93 21.89
C LYS C 743 2.42 4.51 23.33
N ALA C 744 1.51 5.23 23.98
CA ALA C 744 1.12 4.94 25.35
C ALA C 744 0.25 3.69 25.47
N LEU C 745 -0.73 3.58 24.56
CA LEU C 745 -1.64 2.44 24.56
C LEU C 745 -0.90 1.15 24.26
N LYS C 746 0.15 1.23 23.45
CA LYS C 746 0.99 0.08 23.15
C LYS C 746 1.77 -0.37 24.39
N GLU C 747 2.23 0.61 25.18
CA GLU C 747 2.98 0.30 26.39
C GLU C 747 2.03 -0.32 27.43
N CYS C 748 0.79 0.16 27.46
CA CYS C 748 -0.24 -0.45 28.28
C CYS C 748 -0.43 -1.91 27.91
N ILE C 749 -0.51 -2.18 26.61
CA ILE C 749 -0.69 -3.54 26.11
C ILE C 749 0.55 -4.39 26.43
N ARG C 750 1.73 -3.84 26.18
CA ARG C 750 2.98 -4.54 26.46
C ARG C 750 3.07 -4.95 27.91
N ARG C 751 2.56 -4.09 28.80
CA ARG C 751 2.57 -4.38 30.25
C ARG C 751 1.53 -5.42 30.63
N MET C 752 0.33 -5.30 30.05
CA MET C 752 -0.70 -6.30 30.22
C MET C 752 -0.20 -7.69 29.83
N LEU C 753 0.33 -7.81 28.61
CA LEU C 753 0.72 -9.12 28.07
C LEU C 753 2.03 -9.68 28.65
N GLN C 754 2.98 -8.83 28.99
CA GLN C 754 4.29 -9.28 29.47
C GLN C 754 4.51 -9.15 30.98
N GLU C 755 3.74 -8.30 31.66
CA GLU C 755 4.05 -7.96 33.05
C GLU C 755 2.88 -8.04 34.04
N GLY C 756 1.64 -7.94 33.56
CA GLY C 756 0.45 -8.08 34.43
C GLY C 756 -0.23 -6.80 34.86
N GLU C 757 -1.24 -6.94 35.72
CA GLU C 757 -2.10 -5.82 36.13
C GLU C 757 -1.38 -4.71 36.90
N GLU C 758 -0.61 -5.08 37.93
CA GLU C 758 0.10 -4.10 38.75
C GLU C 758 0.99 -3.18 37.89
N SER C 759 1.72 -3.79 36.95
CA SER C 759 2.56 -3.04 36.00
C SER C 759 1.76 -2.06 35.14
N LEU C 760 0.55 -2.45 34.72
CA LEU C 760 -0.31 -1.58 33.91
C LEU C 760 -0.78 -0.35 34.69
N GLN C 761 -1.25 -0.56 35.92
CA GLN C 761 -1.76 0.52 36.77
C GLN C 761 -0.66 1.49 37.14
N GLU C 762 0.55 0.97 37.28
CA GLU C 762 1.74 1.77 37.55
C GLU C 762 1.96 2.76 36.43
N TYR C 763 1.88 2.28 35.19
CA TYR C 763 2.13 3.11 34.02
C TYR C 763 0.97 4.07 33.72
N PHE C 764 -0.26 3.62 33.96
CA PHE C 764 -1.42 4.48 33.74
C PHE C 764 -1.28 5.76 34.57
N LYS C 765 -0.92 5.58 35.85
CA LYS C 765 -0.73 6.70 36.75
C LYS C 765 0.32 7.69 36.25
N GLU C 766 1.45 7.17 35.76
CA GLU C 766 2.55 8.04 35.35
C GLU C 766 2.23 8.76 34.04
N PHE C 767 1.58 8.06 33.11
CA PHE C 767 1.17 8.69 31.88
C PHE C 767 0.13 9.79 32.13
N GLU C 768 -0.81 9.51 33.01
CA GLU C 768 -1.86 10.46 33.38
C GLU C 768 -1.30 11.73 34.02
N LYS C 769 -0.17 11.60 34.72
CA LYS C 769 0.50 12.76 35.32
C LYS C 769 1.24 13.60 34.28
N GLU C 770 1.76 12.95 33.24
CA GLU C 770 2.61 13.64 32.25
C GLU C 770 1.90 14.06 30.96
N PHE C 771 0.65 13.64 30.81
CA PHE C 771 -0.14 13.92 29.60
C PHE C 771 -0.12 15.39 29.20
N ARG C 772 -0.42 16.28 30.14
CA ARG C 772 -0.47 17.72 29.88
C ARG C 772 0.85 18.34 29.40
N GLN C 773 1.94 17.59 29.51
CA GLN C 773 3.26 18.11 29.13
C GLN C 773 3.65 17.84 27.67
N LEU C 774 2.83 17.04 26.98
CA LEU C 774 3.18 16.54 25.65
C LEU C 774 2.95 17.54 24.50
N ASN C 775 3.80 17.43 23.48
CA ASN C 775 3.69 18.21 22.25
C ASN C 775 2.26 18.15 21.69
N TYR C 776 1.69 19.31 21.38
CA TYR C 776 0.29 19.38 20.95
C TYR C 776 0.04 18.60 19.66
N ILE C 777 1.04 18.50 18.80
CA ILE C 777 0.92 17.70 17.59
C ILE C 777 0.95 16.19 17.93
N SER C 778 1.64 15.82 18.99
CA SER C 778 1.70 14.42 19.38
C SER C 778 0.39 13.92 20.01
N ILE C 779 -0.41 14.83 20.55
CA ILE C 779 -1.70 14.44 21.16
C ILE C 779 -2.96 14.79 20.35
N ALA C 780 -2.78 15.11 19.07
CA ALA C 780 -3.91 15.47 18.21
C ALA C 780 -4.42 14.29 17.39
N SER C 781 -5.75 14.18 17.31
CA SER C 781 -6.40 13.21 16.44
C SER C 781 -6.20 13.57 14.97
N VAL C 782 -6.37 12.60 14.09
CA VAL C 782 -6.23 12.82 12.67
C VAL C 782 -7.52 12.32 12.02
N SER C 783 -7.94 13.00 10.95
CA SER C 783 -9.11 12.57 10.18
C SER C 783 -9.07 13.11 8.75
N SER C 784 -9.77 12.43 7.83
CA SER C 784 -9.87 12.90 6.45
C SER C 784 -10.89 14.03 6.34
N ALA C 785 -10.67 14.94 5.39
CA ALA C 785 -11.55 16.10 5.24
C ALA C 785 -12.42 16.03 3.98
N ASN C 786 -13.40 15.12 4.02
CA ASN C 786 -14.37 14.98 2.94
C ASN C 786 -15.65 15.74 3.22
N ASN C 787 -16.26 16.28 2.16
CA ASN C 787 -17.55 16.97 2.23
C ASN C 787 -17.61 18.16 3.20
N ILE C 788 -16.55 18.97 3.19
CA ILE C 788 -16.51 20.20 4.00
C ILE C 788 -17.62 21.13 3.53
N ALA C 789 -17.69 21.35 2.22
CA ALA C 789 -18.69 22.22 1.59
C ALA C 789 -20.13 21.79 1.89
N LYS C 790 -20.34 20.47 1.97
CA LYS C 790 -21.66 19.91 2.23
C LYS C 790 -22.23 20.33 3.58
N TYR C 791 -21.34 20.44 4.57
CA TYR C 791 -21.75 20.81 5.92
C TYR C 791 -21.51 22.29 6.23
N ASP C 792 -20.90 22.99 5.28
CA ASP C 792 -20.65 24.42 5.42
C ASP C 792 -21.93 25.22 5.15
N VAL C 793 -22.55 25.68 6.23
CA VAL C 793 -23.76 26.51 6.16
C VAL C 793 -23.41 27.93 6.61
N GLY C 794 -23.03 28.76 5.62
CA GLY C 794 -22.68 30.16 5.84
C GLY C 794 -21.56 30.40 6.85
N GLY C 795 -20.60 29.48 6.90
CA GLY C 795 -19.50 29.58 7.85
C GLY C 795 -19.65 28.71 9.09
N PHE C 796 -20.90 28.40 9.43
CA PHE C 796 -21.23 27.64 10.65
C PHE C 796 -21.52 26.16 10.35
N PRO C 797 -21.54 25.29 11.39
CA PRO C 797 -21.82 23.88 11.17
C PRO C 797 -23.29 23.62 10.84
N GLY C 798 -23.52 22.80 9.82
CA GLY C 798 -24.87 22.40 9.43
C GLY C 798 -25.36 21.16 10.15
N PRO C 799 -26.53 20.65 9.73
CA PRO C 799 -27.08 19.44 10.33
C PRO C 799 -26.24 18.20 10.04
N LYS C 800 -26.12 17.32 11.04
CA LYS C 800 -25.36 16.06 10.96
C LYS C 800 -23.85 16.28 10.74
N CYS C 801 -23.33 17.41 11.18
CA CYS C 801 -21.93 17.76 10.93
C CYS C 801 -20.95 16.91 11.74
N PRO C 802 -20.03 16.20 11.04
CA PRO C 802 -18.99 15.38 11.69
C PRO C 802 -18.04 16.23 12.52
N PHE C 803 -17.52 15.66 13.59
CA PHE C 803 -16.66 16.37 14.53
C PHE C 803 -15.47 17.08 13.88
N HIS C 804 -14.73 16.37 13.03
CA HIS C 804 -13.54 16.93 12.38
C HIS C 804 -13.89 18.03 11.37
N ILE C 805 -15.06 17.92 10.74
CA ILE C 805 -15.53 18.92 9.79
C ILE C 805 -15.87 20.23 10.51
N ARG C 806 -16.56 20.10 11.65
CA ARG C 806 -16.81 21.23 12.54
C ARG C 806 -15.51 21.93 12.88
N GLY C 807 -14.48 21.14 13.20
CA GLY C 807 -13.14 21.65 13.49
C GLY C 807 -12.58 22.54 12.40
N ILE C 808 -12.81 22.16 11.14
CA ILE C 808 -12.34 22.92 9.98
C ILE C 808 -13.07 24.26 9.87
N LEU C 809 -14.40 24.23 9.98
CA LEU C 809 -15.22 25.43 9.86
C LEU C 809 -14.89 26.46 10.95
N THR C 810 -14.45 25.97 12.10
CA THR C 810 -13.94 26.82 13.17
C THR C 810 -12.62 27.45 12.73
N TYR C 811 -11.70 26.61 12.23
CA TYR C 811 -10.41 27.06 11.71
C TYR C 811 -10.61 28.16 10.66
N ASN C 812 -11.42 27.85 9.65
CA ASN C 812 -11.71 28.77 8.55
C ASN C 812 -12.23 30.13 9.00
N ARG C 813 -12.99 30.15 10.10
CA ARG C 813 -13.47 31.41 10.69
C ARG C 813 -12.35 32.23 11.32
N ALA C 814 -11.48 31.55 12.07
CA ALA C 814 -10.42 32.20 12.83
C ALA C 814 -9.26 32.70 11.97
N ILE C 815 -9.11 32.13 10.78
CA ILE C 815 -8.07 32.58 9.84
C ILE C 815 -8.59 33.59 8.80
N LYS C 816 -9.91 33.80 8.78
CA LYS C 816 -10.56 34.60 7.75
C LYS C 816 -10.01 36.02 7.62
N GLY C 817 -10.08 36.55 6.40
CA GLY C 817 -9.72 37.95 6.14
C GLY C 817 -8.22 38.21 6.11
N ASN C 818 -7.46 37.33 6.75
CA ASN C 818 -6.00 37.45 6.75
C ASN C 818 -5.45 36.84 5.47
N ILE C 819 -4.75 37.68 4.69
CA ILE C 819 -4.30 37.36 3.32
C ILE C 819 -4.12 35.85 3.10
N ASP C 820 -3.08 35.26 3.69
CA ASP C 820 -2.96 33.83 3.60
C ASP C 820 -2.34 33.09 4.78
N ALA C 821 -3.14 32.21 5.35
CA ALA C 821 -2.68 31.18 6.26
C ALA C 821 -3.03 29.86 5.56
N PRO C 822 -2.32 28.76 5.92
CA PRO C 822 -2.56 27.50 5.21
C PRO C 822 -4.03 27.07 5.26
N GLN C 823 -4.67 27.05 4.09
CA GLN C 823 -6.05 26.61 3.96
C GLN C 823 -6.14 25.07 4.07
N VAL C 824 -7.31 24.57 4.46
CA VAL C 824 -7.55 23.13 4.47
C VAL C 824 -8.06 22.69 3.09
N VAL C 825 -7.49 21.59 2.59
CA VAL C 825 -7.80 21.09 1.25
C VAL C 825 -8.74 19.89 1.31
N GLU C 826 -9.76 19.90 0.47
CA GLU C 826 -10.71 18.79 0.35
C GLU C 826 -10.05 17.43 0.11
N GLY C 827 -10.57 16.43 0.81
CA GLY C 827 -10.11 15.05 0.65
C GLY C 827 -8.77 14.75 1.29
N GLU C 828 -8.16 15.76 1.91
CA GLU C 828 -6.87 15.58 2.60
C GLU C 828 -7.06 15.46 4.12
N LYS C 829 -5.97 15.25 4.85
CA LYS C 829 -6.09 14.95 6.27
C LYS C 829 -5.85 16.17 7.16
N VAL C 830 -6.44 16.13 8.36
CA VAL C 830 -6.34 17.23 9.32
C VAL C 830 -6.10 16.73 10.76
N TYR C 831 -5.33 17.49 11.54
CA TYR C 831 -5.27 17.29 12.98
C TYR C 831 -6.51 17.92 13.61
N VAL C 832 -6.95 17.38 14.74
CA VAL C 832 -8.13 17.87 15.43
C VAL C 832 -7.86 17.94 16.93
N LEU C 833 -8.25 19.04 17.56
CA LEU C 833 -8.17 19.18 19.02
C LEU C 833 -9.48 19.70 19.58
N PRO C 834 -9.86 19.23 20.78
CA PRO C 834 -11.01 19.81 21.47
C PRO C 834 -10.63 21.10 22.22
N LEU C 835 -11.61 21.98 22.42
CA LEU C 835 -11.41 23.23 23.16
C LEU C 835 -12.44 23.40 24.27
N ARG C 836 -12.00 23.88 25.41
CA ARG C 836 -12.87 24.15 26.56
C ARG C 836 -13.92 25.25 26.29
N GLU C 837 -15.01 25.18 27.05
CA GLU C 837 -16.12 26.14 26.98
C GLU C 837 -15.65 27.59 27.15
N GLY C 838 -16.26 28.48 26.37
CA GLY C 838 -15.98 29.91 26.44
C GLY C 838 -14.68 30.35 25.81
N ASN C 839 -14.27 29.66 24.74
CA ASN C 839 -13.04 30.00 24.00
C ASN C 839 -13.29 31.10 22.95
N PRO C 840 -12.22 31.79 22.50
CA PRO C 840 -12.36 32.86 21.50
C PRO C 840 -12.81 32.38 20.11
N PHE C 841 -12.73 31.07 19.88
CA PHE C 841 -13.19 30.46 18.62
C PHE C 841 -14.63 29.99 18.75
N GLY C 842 -15.29 29.83 17.60
CA GLY C 842 -16.70 29.43 17.54
C GLY C 842 -17.16 28.27 18.41
N ASP C 843 -16.86 27.04 17.98
CA ASP C 843 -17.46 25.82 18.57
C ASP C 843 -16.70 25.21 19.74
N LYS C 844 -16.47 23.90 19.63
CA LYS C 844 -15.91 23.08 20.71
C LYS C 844 -14.64 22.33 20.27
N CYS C 845 -14.32 22.43 18.99
CA CYS C 845 -13.08 21.85 18.46
C CYS C 845 -12.46 22.71 17.36
N ILE C 846 -11.21 22.40 17.03
CA ILE C 846 -10.47 23.08 15.96
C ILE C 846 -9.65 22.06 15.17
N ALA C 847 -9.59 22.25 13.86
CA ALA C 847 -8.77 21.40 13.00
C ALA C 847 -7.90 22.24 12.08
N TRP C 848 -6.86 21.64 11.52
CA TRP C 848 -5.93 22.33 10.61
C TRP C 848 -5.14 21.30 9.82
N PRO C 849 -4.53 21.71 8.69
CA PRO C 849 -3.80 20.75 7.84
C PRO C 849 -2.82 19.87 8.62
N SER C 850 -2.85 18.57 8.33
CA SER C 850 -1.99 17.60 9.01
C SER C 850 -0.54 17.71 8.57
N GLY C 851 0.36 17.09 9.35
CA GLY C 851 1.81 17.12 9.10
C GLY C 851 2.49 18.47 9.30
N THR C 852 1.71 19.47 9.70
CA THR C 852 2.19 20.85 9.84
C THR C 852 1.83 21.46 11.20
N GLU C 853 2.56 22.50 11.59
CA GLU C 853 2.21 23.32 12.75
C GLU C 853 1.10 24.28 12.31
N ILE C 854 0.27 24.73 13.26
CA ILE C 854 -0.75 25.74 12.93
C ILE C 854 -0.07 27.10 12.80
N THR C 855 -0.69 28.02 12.08
CA THR C 855 -0.17 29.38 11.93
C THR C 855 0.16 29.97 13.30
N ASP C 856 1.27 30.71 13.36
CA ASP C 856 1.66 31.43 14.57
C ASP C 856 0.63 32.49 14.96
N LEU C 857 -0.23 32.86 14.02
CA LEU C 857 -1.24 33.91 14.25
C LEU C 857 -2.53 33.37 14.86
N ILE C 858 -2.48 32.13 15.35
CA ILE C 858 -3.62 31.51 16.01
C ILE C 858 -3.19 30.44 17.04
N LYS C 859 -1.90 30.13 17.04
CA LYS C 859 -1.32 29.04 17.83
C LYS C 859 -1.50 29.20 19.35
N ASP C 860 -1.05 30.32 19.90
CA ASP C 860 -1.08 30.57 21.35
C ASP C 860 -2.46 30.38 21.98
N ASP C 861 -3.49 30.82 21.26
CA ASP C 861 -4.87 30.71 21.72
C ASP C 861 -5.31 29.25 21.77
N VAL C 862 -4.92 28.49 20.74
CA VAL C 862 -5.22 27.07 20.67
C VAL C 862 -4.59 26.34 21.86
N LEU C 863 -3.28 26.51 22.04
CA LEU C 863 -2.54 25.88 23.14
C LEU C 863 -3.13 26.21 24.51
N HIS C 864 -3.65 27.43 24.64
CA HIS C 864 -4.19 27.92 25.91
C HIS C 864 -5.59 27.38 26.19
N TRP C 865 -6.33 27.08 25.13
CA TRP C 865 -7.73 26.65 25.27
C TRP C 865 -7.99 25.15 24.99
N MET C 866 -6.93 24.38 24.76
CA MET C 866 -7.04 22.93 24.58
C MET C 866 -7.79 22.28 25.72
N ASP C 867 -8.68 21.34 25.40
CA ASP C 867 -9.38 20.58 26.44
C ASP C 867 -8.67 19.26 26.71
N TYR C 868 -7.67 19.32 27.60
CA TYR C 868 -6.85 18.15 27.92
C TYR C 868 -7.66 17.00 28.52
N THR C 869 -8.60 17.32 29.41
CA THR C 869 -9.46 16.33 30.05
C THR C 869 -10.27 15.53 29.01
N VAL C 870 -10.95 16.26 28.14
CA VAL C 870 -11.74 15.69 27.05
C VAL C 870 -10.84 14.90 26.10
N LEU C 871 -9.66 15.43 25.80
CA LEU C 871 -8.73 14.79 24.88
C LEU C 871 -8.17 13.48 25.44
N LEU C 872 -7.91 13.45 26.75
CA LEU C 872 -7.38 12.26 27.41
C LEU C 872 -8.43 11.17 27.47
N GLU C 873 -9.66 11.56 27.82
CA GLU C 873 -10.73 10.58 27.97
C GLU C 873 -11.11 9.94 26.63
N LYS C 874 -11.30 10.78 25.61
CA LYS C 874 -11.73 10.30 24.29
C LYS C 874 -10.71 9.42 23.56
N THR C 875 -9.43 9.74 23.70
CA THR C 875 -8.39 9.11 22.88
C THR C 875 -7.59 8.04 23.62
N PHE C 876 -7.45 8.19 24.94
CA PHE C 876 -6.68 7.25 25.74
C PHE C 876 -7.55 6.35 26.64
N ILE C 877 -8.30 6.96 27.57
CA ILE C 877 -9.06 6.19 28.56
C ILE C 877 -10.13 5.29 27.95
N LYS C 878 -10.98 5.86 27.10
CA LYS C 878 -12.05 5.11 26.47
C LYS C 878 -11.52 3.86 25.72
N PRO C 879 -10.44 4.00 24.93
CA PRO C 879 -9.81 2.81 24.33
C PRO C 879 -9.27 1.81 25.35
N LEU C 880 -8.67 2.31 26.44
CA LEU C 880 -8.10 1.46 27.47
C LEU C 880 -9.18 0.76 28.33
N GLU C 881 -10.33 1.40 28.52
CA GLU C 881 -11.51 0.76 29.09
C GLU C 881 -11.85 -0.51 28.30
N GLY C 882 -11.77 -0.42 26.98
CA GLY C 882 -12.05 -1.53 26.09
C GLY C 882 -11.11 -2.71 26.23
N PHE C 883 -9.82 -2.44 26.28
CA PHE C 883 -8.81 -3.52 26.34
C PHE C 883 -8.88 -4.24 27.67
N THR C 884 -8.96 -3.46 28.75
CA THR C 884 -8.95 -3.98 30.10
C THR C 884 -10.27 -4.68 30.43
N SER C 885 -11.37 -4.11 29.95
CA SER C 885 -12.69 -4.74 30.08
C SER C 885 -12.68 -6.13 29.42
N ALA C 886 -12.23 -6.19 28.17
CA ALA C 886 -12.10 -7.47 27.47
C ALA C 886 -11.16 -8.43 28.20
N ALA C 887 -10.01 -7.93 28.63
CA ALA C 887 -8.98 -8.77 29.27
C ALA C 887 -9.32 -9.12 30.72
N LYS C 888 -10.38 -8.51 31.24
CA LYS C 888 -10.85 -8.76 32.61
C LYS C 888 -9.79 -8.29 33.61
N LEU C 889 -9.39 -7.04 33.42
CA LEU C 889 -8.38 -6.37 34.23
C LEU C 889 -8.89 -4.98 34.59
N ASP C 890 -8.20 -4.35 35.53
CA ASP C 890 -8.47 -2.96 35.87
C ASP C 890 -7.23 -2.12 35.64
N TYR C 891 -7.40 -1.02 34.92
CA TYR C 891 -6.32 -0.09 34.66
C TYR C 891 -6.14 0.84 35.86
N GLU C 892 -7.19 0.93 36.68
CA GLU C 892 -7.19 1.72 37.90
C GLU C 892 -7.46 0.80 39.08
N LYS C 893 -6.72 1.00 40.16
CA LYS C 893 -6.85 0.14 41.35
C LYS C 893 -8.20 0.34 42.05
N LYS C 894 -8.95 -0.75 42.20
CA LYS C 894 -10.28 -0.72 42.81
C LYS C 894 -10.23 -0.65 44.31
N ALA C 895 -11.27 -0.04 44.90
CA ALA C 895 -11.41 0.05 46.35
C ALA C 895 -11.40 -1.34 46.96
N SER C 896 -10.56 -1.51 47.98
CA SER C 896 -10.47 -2.76 48.73
C SER C 896 -10.72 -2.50 50.21
N LEU C 897 -10.98 -3.56 50.95
CA LEU C 897 -11.06 -3.47 52.40
C LEU C 897 -9.67 -3.17 52.98
N PHE C 898 -8.63 -3.43 52.17
CA PHE C 898 -7.24 -3.15 52.54
C PHE C 898 -6.95 -1.65 52.65
N ASP C 899 -7.76 -0.83 51.97
CA ASP C 899 -7.62 0.64 51.99
C ASP C 899 -7.66 1.25 53.39
N MET C 900 -8.17 0.51 54.37
CA MET C 900 -8.30 1.00 55.74
C MET C 900 -7.06 0.75 56.60
N PHE C 901 -5.97 0.32 55.97
CA PHE C 901 -4.70 0.10 56.66
C PHE C 901 -3.63 1.07 56.16
N ASP C 902 -2.60 1.28 56.97
CA ASP C 902 -1.51 2.19 56.62
C ASP C 902 -0.28 1.45 56.10
N PHE C 903 -0.08 1.51 54.78
CA PHE C 903 1.09 0.90 54.15
C PHE C 903 2.10 1.96 53.71
N SER C 904 3.20 2.06 54.46
CA SER C 904 4.27 3.01 54.17
C SER C 904 5.64 2.39 54.47
N ALA C 905 6.11 1.57 53.53
CA ALA C 905 7.42 0.91 53.62
C ALA C 905 7.83 0.39 52.25
C1 PPF D . -3.09 -14.96 1.76
O1 PPF D . -1.81 -15.66 3.91
O2 PPF D . -1.10 -13.58 2.66
O3 PPF D . -0.73 -15.81 1.59
O4 PPF D . -3.15 -14.33 0.67
O5 PPF D . -4.07 -15.55 2.25
P1 PPF D . -1.57 -15.01 2.56
MG MG E . -5.49 -14.75 6.42
MG MG F . -3.89 -16.33 4.10
MG MG G . 9.43 21.48 -3.38
#